data_8FCE
#
_entry.id   8FCE
#
_cell.length_a   118.843
_cell.length_b   154.638
_cell.length_c   153.447
_cell.angle_alpha   90.000
_cell.angle_beta   90.000
_cell.angle_gamma   90.000
#
_symmetry.space_group_name_H-M   'C 2 2 21'
#
loop_
_entity.id
_entity.type
_entity.pdbx_description
1 polymer 'p66 RT'
2 polymer 'p51 RT'
3 non-polymer 4-[(9-{4-[(E)-2-cyanoethenyl]-2,6-dimethylphenyl}-6-oxo-6,7,8,9-tetrahydro-5H-pyrimido[4,5-b][1,4]diazepin-2-yl)amino]benzonitrile
4 non-polymer 'L(+)-TARTARIC ACID'
5 water water
#
loop_
_entity_poly.entity_id
_entity_poly.type
_entity_poly.pdbx_seq_one_letter_code
_entity_poly.pdbx_strand_id
1 'polypeptide(L)'
;PISPIETVPVKLKPGMDGPKVKQWPLTEEKIKALVEICTEMEKEGKISKIGPENPYNTPVFAIKKKDSTKWRKLVDFREL
NKRTQDFWEVQLGIPHPAGLKKKKSVTVLDVGDAYFSVPLDEDFRKYTAFTIPSINNETPGIRYQYNVLPQGWKGSPAIF
QSSMTKILEPFRKQNPDIVIYQYMDDLYVGSDLEIGQHRTKIEELRQHLLRWGLTTPDKKHQKEPPFLWMGYELHPDKWT
VQPIVLPEKDSWTVNDIQKLVGKLNWASQIYPGIKVRQLCKLLRGTKALTEVIPLTEEAELELAENREILKEPVHGVYYD
PSKDLIAEIQKQGQGQWTYQIYQEPFKNLKTGKYARMRGAHTNDVKQLTEAVQKITTESIVIWGKTPKFKLPIQKETWET
WWTEYWQATWIPEWEFVNTPPLVKLWYQLEKEPIVGAETFYVDGAANRETKLGKAGYVTNRGRQKVVTLTDTTNQKTELQ
AIYLALQDSGLEVNIVTDSQYALGIIQAQPDQSESELVNQIIEQLIKKEKVYLAWVPAHKGIGGNEQVDKLVSAGIRKVL
;
A
2 'polypeptide(L)'
;PISPIETVPVKLKPGMDGPKVKQWPLTEEKIKALVEICTEMEKEGKISKIGPENPYNTPVFAIKKKDSTKWRKLVDFREL
NKRTQDFWEVQLGIPHPAGLKKKKSVTVLDVGDAYFSVPLDEDFRKYTAFTIPSINNETPGIRYQYNVLPQGWKGSPAIF
QSSMTKILEPFRKQNPDIVIYQYMDDLYVGSDLEIGQHRTKIEELRQHLLRWGLTTPDKKHQKEPPFLWMGYELHPDKWT
VQPIVLPEKDSWTVNDIQKLVGKLNWASQIYPGIKVRQLCKLLRGTKALTEVIPLTEEAELELAENREILKEPVHGVYYD
PSKDLIAEIQKQGQGQWTYQIYQEPFKNLKTGKYARMRGAHTNDVKQLTEAVQKITTESIVIWGKTPKFKLPIQKETWET
WWTEYWQATWIPEWEFVNTPPLVKLWYQLEKEPIVGAETF
;
B
#
loop_
_chem_comp.id
_chem_comp.type
_chem_comp.name
_chem_comp.formula
TLA non-polymer 'L(+)-TARTARIC ACID' 'C4 H6 O6'
XRL non-polymer 4-[(9-{4-[(E)-2-cyanoethenyl]-2,6-dimethylphenyl}-6-oxo-6,7,8,9-tetrahydro-5H-pyrimido[4,5-b][1,4]diazepin-2-yl)amino]benzonitrile 'C25 H21 N7 O'
#
# COMPACT_ATOMS: atom_id res chain seq x y z
N PRO A 1 35.92 -18.26 20.46
CA PRO A 1 36.29 -16.84 20.55
C PRO A 1 35.09 -15.93 20.75
N ILE A 2 35.41 -14.68 21.10
CA ILE A 2 34.44 -13.61 21.26
C ILE A 2 34.94 -12.46 20.40
N SER A 3 34.18 -12.10 19.39
CA SER A 3 34.66 -11.20 18.38
C SER A 3 35.09 -9.87 18.98
N PRO A 4 36.24 -9.33 18.56
CA PRO A 4 36.65 -7.99 19.00
C PRO A 4 35.76 -6.83 18.56
N ILE A 5 34.67 -7.08 17.84
CA ILE A 5 33.84 -5.99 17.33
C ILE A 5 33.20 -5.19 18.47
N GLU A 6 32.98 -3.90 18.24
CA GLU A 6 32.28 -3.05 19.20
C GLU A 6 30.91 -3.62 19.54
N THR A 7 30.41 -3.31 20.72
CA THR A 7 29.09 -3.81 21.06
C THR A 7 28.01 -2.82 20.69
N VAL A 8 26.80 -3.35 20.60
CA VAL A 8 25.62 -2.58 20.25
C VAL A 8 24.96 -2.13 21.56
N PRO A 9 24.77 -0.83 21.79
CA PRO A 9 24.14 -0.39 23.04
C PRO A 9 22.72 -0.89 23.14
N VAL A 10 22.42 -1.59 24.22
CA VAL A 10 21.08 -2.08 24.47
C VAL A 10 20.50 -1.37 25.68
N LYS A 11 19.19 -1.16 25.67
CA LYS A 11 18.49 -0.55 26.78
C LYS A 11 17.15 -1.25 26.99
N LEU A 12 16.62 -1.17 28.20
CA LEU A 12 15.30 -1.72 28.43
C LEU A 12 14.24 -0.70 27.98
N LYS A 13 12.99 -1.16 27.93
CA LYS A 13 11.91 -0.27 27.57
C LYS A 13 11.79 0.85 28.61
N PRO A 14 11.34 2.07 28.19
CA PRO A 14 11.26 3.20 29.11
C PRO A 14 10.36 2.86 30.30
N GLY A 15 10.79 3.23 31.50
CA GLY A 15 9.98 2.99 32.68
C GLY A 15 10.03 1.57 33.21
N MET A 16 10.93 0.74 32.72
CA MET A 16 10.97 -0.67 33.06
C MET A 16 12.31 -1.02 33.68
N ASP A 17 12.29 -2.00 34.58
CA ASP A 17 13.47 -2.54 35.23
C ASP A 17 13.69 -3.98 34.77
N GLY A 18 14.94 -4.43 34.85
CA GLY A 18 15.31 -5.78 34.47
C GLY A 18 14.62 -6.84 35.30
N PRO A 19 14.68 -8.09 34.85
CA PRO A 19 13.86 -9.13 35.47
C PRO A 19 14.38 -9.52 36.86
N LYS A 20 13.46 -10.10 37.65
CA LYS A 20 13.73 -10.64 38.97
C LYS A 20 12.93 -11.91 39.23
N VAL A 21 12.71 -12.74 38.21
CA VAL A 21 11.98 -13.99 38.40
C VAL A 21 12.76 -14.89 39.37
N LYS A 22 12.02 -15.64 40.20
CA LYS A 22 12.66 -16.49 41.18
C LYS A 22 13.01 -17.83 40.55
N GLN A 23 14.11 -18.41 41.02
CA GLN A 23 14.64 -19.64 40.47
C GLN A 23 13.92 -20.84 41.10
N TRP A 24 13.10 -21.51 40.31
CA TRP A 24 12.54 -22.78 40.75
C TRP A 24 13.66 -23.73 41.19
N PRO A 25 13.45 -24.52 42.25
CA PRO A 25 14.49 -25.48 42.64
C PRO A 25 14.47 -26.71 41.74
N LEU A 26 15.66 -27.25 41.50
CA LEU A 26 15.86 -28.31 40.53
C LEU A 26 16.35 -29.60 41.19
N THR A 27 16.15 -30.72 40.50
CA THR A 27 16.74 -31.99 40.93
C THR A 27 18.27 -31.89 40.90
N GLU A 28 18.94 -32.81 41.59
CA GLU A 28 20.38 -32.59 41.72
C GLU A 28 21.13 -32.97 40.44
N GLU A 29 20.61 -33.89 39.64
CA GLU A 29 21.22 -34.15 38.34
C GLU A 29 21.13 -32.94 37.42
N LYS A 30 19.99 -32.24 37.48
CA LYS A 30 19.79 -31.03 36.65
C LYS A 30 20.87 -29.99 36.98
N ILE A 31 20.97 -29.62 38.26
CA ILE A 31 21.94 -28.56 38.65
C ILE A 31 23.36 -29.08 38.41
N LYS A 32 23.63 -30.36 38.63
CA LYS A 32 25.01 -30.84 38.36
C LYS A 32 25.36 -30.52 36.91
N ALA A 33 24.47 -30.88 36.00
CA ALA A 33 24.69 -30.58 34.57
C ALA A 33 24.91 -29.09 34.41
N LEU A 34 24.03 -28.28 34.98
CA LEU A 34 24.20 -26.84 34.84
C LEU A 34 25.55 -26.38 35.37
N VAL A 35 26.07 -27.02 36.40
CA VAL A 35 27.40 -26.65 36.88
C VAL A 35 28.47 -27.05 35.87
N GLU A 36 28.33 -28.24 35.28
CA GLU A 36 29.26 -28.66 34.24
C GLU A 36 29.28 -27.67 33.10
N ILE A 37 28.08 -27.38 32.57
CA ILE A 37 27.89 -26.49 31.43
C ILE A 37 28.40 -25.08 31.73
N CYS A 38 28.06 -24.53 32.90
CA CYS A 38 28.45 -23.14 33.16
C CYS A 38 29.95 -22.99 33.42
N THR A 39 30.66 -24.04 33.82
CA THR A 39 32.10 -23.86 33.97
C THR A 39 32.84 -23.99 32.63
N GLU A 40 32.37 -24.85 31.72
CA GLU A 40 32.90 -24.80 30.36
C GLU A 40 32.69 -23.42 29.75
N MET A 41 31.47 -22.89 29.84
CA MET A 41 31.17 -21.57 29.31
C MET A 41 31.98 -20.48 30.02
N GLU A 42 32.15 -20.57 31.34
CA GLU A 42 32.86 -19.52 32.04
C GLU A 42 34.30 -19.43 31.59
N LYS A 43 34.92 -20.57 31.28
CA LYS A 43 36.33 -20.60 30.93
C LYS A 43 36.56 -20.01 29.55
N GLU A 44 35.56 -20.10 28.68
CA GLU A 44 35.64 -19.55 27.34
C GLU A 44 35.21 -18.09 27.25
N GLY A 45 34.77 -17.49 28.36
CA GLY A 45 34.41 -16.09 28.40
C GLY A 45 32.94 -15.81 28.22
N LYS A 46 32.16 -16.85 27.90
CA LYS A 46 30.76 -16.67 27.57
C LYS A 46 29.95 -16.22 28.78
N ILE A 47 30.37 -16.56 30.00
CA ILE A 47 29.69 -16.07 31.18
C ILE A 47 30.72 -15.71 32.25
N SER A 48 30.25 -15.04 33.29
CA SER A 48 31.13 -14.65 34.38
C SER A 48 30.31 -14.61 35.65
N LYS A 49 30.92 -15.09 36.75
CA LYS A 49 30.19 -15.14 38.02
C LYS A 49 30.24 -13.76 38.66
N ILE A 50 29.22 -13.44 39.45
CA ILE A 50 28.98 -12.09 39.91
C ILE A 50 28.67 -12.09 41.41
N GLY A 51 28.91 -10.94 42.04
CA GLY A 51 28.52 -10.75 43.42
C GLY A 51 27.00 -10.73 43.57
N PRO A 52 26.52 -10.90 44.81
CA PRO A 52 25.07 -10.88 45.05
C PRO A 52 24.46 -9.48 45.10
N GLU A 53 25.24 -8.46 44.69
CA GLU A 53 24.73 -7.09 44.58
C GLU A 53 23.65 -7.01 43.50
N ASN A 54 23.96 -7.51 42.32
CA ASN A 54 23.10 -7.68 41.16
C ASN A 54 21.74 -8.22 41.57
N PRO A 55 20.68 -7.40 41.55
CA PRO A 55 19.36 -7.87 41.96
C PRO A 55 18.61 -8.65 40.90
N TYR A 56 19.24 -8.96 39.78
CA TYR A 56 18.49 -9.47 38.64
C TYR A 56 18.57 -10.98 38.58
N ASN A 57 17.49 -11.58 38.13
CA ASN A 57 17.54 -13.02 37.97
C ASN A 57 16.58 -13.44 36.88
N THR A 58 17.02 -14.45 36.12
CA THR A 58 16.20 -15.10 35.12
C THR A 58 16.28 -16.60 35.38
N PRO A 59 15.16 -17.31 35.42
CA PRO A 59 15.21 -18.75 35.72
C PRO A 59 16.05 -19.50 34.70
N VAL A 60 16.58 -20.64 35.15
CA VAL A 60 17.35 -21.52 34.27
C VAL A 60 16.86 -22.94 34.47
N PHE A 61 16.82 -23.71 33.38
CA PHE A 61 16.44 -25.10 33.38
C PHE A 61 17.53 -25.91 32.70
N ALA A 62 17.31 -27.22 32.60
CA ALA A 62 18.18 -28.11 31.87
C ALA A 62 17.36 -29.31 31.47
N ILE A 63 17.63 -29.85 30.28
CA ILE A 63 16.96 -31.06 29.81
C ILE A 63 17.88 -31.74 28.82
N LYS A 64 17.62 -33.03 28.58
CA LYS A 64 18.55 -33.90 27.83
C LYS A 64 18.37 -33.80 26.32
N SER A 68 18.94 -39.87 23.71
CA SER A 68 20.01 -38.89 23.84
C SER A 68 20.40 -38.74 25.31
N THR A 69 21.68 -38.40 25.57
CA THR A 69 22.22 -38.55 26.92
C THR A 69 23.12 -37.40 27.38
N LYS A 70 23.20 -36.30 26.66
CA LYS A 70 23.88 -35.14 27.21
C LYS A 70 22.88 -33.99 27.40
N TRP A 71 23.31 -33.00 28.16
CA TRP A 71 22.43 -32.00 28.74
C TRP A 71 22.55 -30.66 28.05
N ARG A 72 21.41 -30.00 27.84
CA ARG A 72 21.37 -28.64 27.32
C ARG A 72 20.91 -27.69 28.40
N LYS A 73 21.55 -26.53 28.46
CA LYS A 73 21.09 -25.44 29.30
C LYS A 73 20.08 -24.59 28.54
N LEU A 74 18.92 -24.41 29.15
CA LEU A 74 17.86 -23.57 28.60
C LEU A 74 17.59 -22.44 29.59
N VAL A 75 17.86 -21.20 29.18
CA VAL A 75 17.46 -20.04 29.96
C VAL A 75 16.14 -19.51 29.41
N ASP A 76 15.19 -19.25 30.31
CA ASP A 76 13.86 -18.80 29.93
C ASP A 76 13.85 -17.28 30.00
N PHE A 77 13.99 -16.63 28.85
CA PHE A 77 14.15 -15.19 28.79
C PHE A 77 12.82 -14.47 28.59
N ARG A 78 11.71 -15.08 28.99
CA ARG A 78 10.41 -14.46 28.76
C ARG A 78 10.32 -13.10 29.42
N GLU A 79 10.72 -12.98 30.68
CA GLU A 79 10.57 -11.68 31.32
C GLU A 79 11.60 -10.68 30.83
N LEU A 80 12.82 -11.11 30.54
CA LEU A 80 13.77 -10.15 30.04
C LEU A 80 13.40 -9.72 28.63
N ASN A 81 12.85 -10.63 27.83
CA ASN A 81 12.38 -10.25 26.50
C ASN A 81 11.26 -9.23 26.58
N LYS A 82 10.31 -9.42 27.49
CA LYS A 82 9.23 -8.45 27.66
C LYS A 82 9.73 -7.07 28.09
N ARG A 83 10.91 -6.98 28.67
CA ARG A 83 11.40 -5.69 29.13
C ARG A 83 12.47 -5.09 28.23
N THR A 84 12.91 -5.79 27.19
CA THR A 84 13.95 -5.30 26.31
C THR A 84 13.32 -4.42 25.22
N GLN A 85 14.06 -3.38 24.83
CA GLN A 85 13.68 -2.58 23.69
C GLN A 85 13.48 -3.40 22.43
N ASP A 86 12.56 -2.92 21.57
CA ASP A 86 12.43 -3.45 20.21
C ASP A 86 13.64 -3.14 19.34
N PHE A 87 13.86 -3.97 18.33
CA PHE A 87 15.02 -3.88 17.45
C PHE A 87 14.56 -3.76 16.02
N TRP A 88 15.46 -3.33 15.15
CA TRP A 88 15.15 -3.36 13.73
C TRP A 88 14.96 -4.80 13.30
N GLU A 89 13.83 -5.10 12.69
CA GLU A 89 13.54 -6.47 12.34
C GLU A 89 14.64 -7.05 11.45
N VAL A 90 14.96 -8.32 11.67
CA VAL A 90 16.24 -8.88 11.19
C VAL A 90 16.27 -8.99 9.66
N GLN A 91 15.21 -9.53 9.05
CA GLN A 91 15.08 -9.55 7.58
C GLN A 91 13.74 -8.95 7.13
N LEU A 92 13.80 -8.17 6.05
CA LEU A 92 12.59 -7.59 5.45
C LEU A 92 11.90 -8.54 4.48
N GLY A 93 12.59 -9.58 4.04
CA GLY A 93 12.08 -10.51 3.05
C GLY A 93 13.14 -11.53 2.68
N ILE A 94 12.74 -12.70 2.20
CA ILE A 94 13.68 -13.74 1.77
C ILE A 94 13.99 -13.49 0.30
N PRO A 95 15.26 -13.61 -0.12
CA PRO A 95 15.54 -13.55 -1.56
C PRO A 95 14.77 -14.66 -2.25
N HIS A 96 14.22 -14.32 -3.42
CA HIS A 96 13.56 -15.43 -4.10
C HIS A 96 14.53 -16.05 -5.11
N PRO A 97 14.53 -17.36 -5.27
CA PRO A 97 15.44 -17.96 -6.28
C PRO A 97 15.42 -17.24 -7.63
N ALA A 98 14.24 -16.90 -8.16
CA ALA A 98 14.17 -16.32 -9.50
C ALA A 98 14.86 -14.96 -9.57
N GLY A 99 15.11 -14.34 -8.42
CA GLY A 99 15.93 -13.14 -8.41
C GLY A 99 17.42 -13.38 -8.42
N LEU A 100 17.87 -14.61 -8.18
CA LEU A 100 19.29 -14.86 -8.06
C LEU A 100 19.97 -14.90 -9.43
N LYS A 101 21.23 -14.48 -9.46
CA LYS A 101 22.06 -14.60 -10.64
C LYS A 101 22.71 -15.98 -10.68
N LYS A 102 22.86 -16.49 -11.90
CA LYS A 102 23.66 -17.69 -12.12
C LYS A 102 25.06 -17.48 -11.56
N LYS A 103 25.56 -18.51 -10.84
CA LYS A 103 26.89 -18.53 -10.24
C LYS A 103 27.66 -19.74 -10.75
N LYS A 104 28.96 -19.54 -10.98
CA LYS A 104 29.81 -20.66 -11.43
C LYS A 104 30.17 -21.60 -10.28
N SER A 105 30.72 -21.07 -9.19
CA SER A 105 31.17 -21.85 -8.04
C SER A 105 30.44 -21.39 -6.79
N VAL A 106 29.82 -22.34 -6.07
CA VAL A 106 29.18 -22.05 -4.80
C VAL A 106 29.72 -23.00 -3.73
N THR A 107 30.18 -22.44 -2.62
CA THR A 107 30.42 -23.18 -1.39
C THR A 107 29.63 -22.51 -0.29
N VAL A 108 29.27 -23.30 0.73
CA VAL A 108 28.49 -22.82 1.88
C VAL A 108 29.36 -23.02 3.12
N LEU A 109 29.32 -22.04 4.02
CA LEU A 109 30.08 -22.13 5.26
C LEU A 109 29.19 -21.76 6.44
N ASP A 110 29.31 -22.54 7.53
CA ASP A 110 28.50 -22.38 8.73
C ASP A 110 29.40 -21.90 9.88
N VAL A 111 29.04 -20.73 10.41
CA VAL A 111 29.53 -20.24 11.70
C VAL A 111 29.11 -21.22 12.80
N GLY A 112 30.07 -21.92 13.39
CA GLY A 112 29.85 -22.52 14.67
C GLY A 112 29.96 -21.49 15.79
N ASP A 113 29.30 -21.78 16.91
CA ASP A 113 29.28 -20.89 18.07
C ASP A 113 28.84 -19.49 17.68
N ALA A 114 27.64 -19.42 17.09
CA ALA A 114 27.19 -18.18 16.46
C ALA A 114 26.98 -17.01 17.41
N TYR A 115 26.06 -17.18 18.37
CA TYR A 115 25.67 -16.09 19.27
C TYR A 115 26.73 -15.93 20.34
N PHE A 116 27.35 -17.03 20.78
CA PHE A 116 28.34 -16.98 21.86
C PHE A 116 29.68 -16.43 21.41
N SER A 117 29.87 -16.21 20.10
CA SER A 117 31.05 -15.51 19.59
C SER A 117 30.86 -14.00 19.50
N VAL A 118 29.75 -13.44 19.97
CA VAL A 118 29.53 -11.99 19.80
C VAL A 118 29.28 -11.33 21.15
N PRO A 119 29.97 -10.24 21.46
CA PRO A 119 29.85 -9.64 22.79
C PRO A 119 28.51 -8.95 23.00
N LEU A 120 28.07 -8.98 24.25
CA LEU A 120 26.89 -8.29 24.71
C LEU A 120 27.29 -6.97 25.33
N ASP A 121 26.45 -5.95 25.16
CA ASP A 121 26.72 -4.62 25.68
C ASP A 121 26.97 -4.66 27.18
N GLU A 122 28.23 -4.48 27.58
CA GLU A 122 28.67 -4.49 28.98
C GLU A 122 27.68 -3.79 29.90
N ASP A 123 27.13 -2.64 29.48
CA ASP A 123 26.14 -1.99 30.31
C ASP A 123 24.85 -2.78 30.45
N PHE A 124 24.67 -3.84 29.67
CA PHE A 124 23.44 -4.60 29.69
C PHE A 124 23.56 -5.95 30.36
N ARG A 125 24.78 -6.48 30.49
CA ARG A 125 24.99 -7.85 31.03
C ARG A 125 24.32 -8.05 32.40
N LYS A 126 24.28 -7.01 33.24
CA LYS A 126 23.69 -7.13 34.56
C LYS A 126 22.31 -7.74 34.53
N TYR A 127 21.55 -7.57 33.45
CA TYR A 127 20.18 -8.06 33.43
C TYR A 127 20.08 -9.49 32.95
N THR A 128 21.17 -10.05 32.42
CA THR A 128 21.13 -11.43 31.95
C THR A 128 21.45 -12.42 33.06
N ALA A 129 21.60 -11.91 34.29
CA ALA A 129 21.98 -12.70 35.46
C ALA A 129 21.06 -13.89 35.66
N PHE A 130 21.66 -15.06 35.90
CA PHE A 130 20.89 -16.23 36.28
C PHE A 130 21.59 -16.94 37.43
N THR A 131 20.88 -17.88 38.04
CA THR A 131 21.29 -18.48 39.30
C THR A 131 21.12 -19.99 39.22
N ILE A 132 22.20 -20.72 39.43
CA ILE A 132 22.13 -22.19 39.59
C ILE A 132 21.81 -22.47 41.05
N PRO A 133 20.66 -23.05 41.37
CA PRO A 133 20.30 -23.24 42.77
C PRO A 133 21.11 -24.36 43.43
N SER A 134 21.06 -24.35 44.76
CA SER A 134 21.67 -25.40 45.57
C SER A 134 20.76 -26.62 45.64
N ILE A 135 21.28 -27.69 46.22
CA ILE A 135 20.48 -28.90 46.38
C ILE A 135 19.43 -28.66 47.46
N ASN A 136 18.17 -28.89 47.12
CA ASN A 136 17.02 -28.56 47.97
C ASN A 136 17.04 -27.10 48.42
N ASN A 137 17.53 -26.22 47.54
CA ASN A 137 17.66 -24.78 47.72
C ASN A 137 17.99 -24.35 49.15
N GLU A 138 19.03 -24.94 49.74
CA GLU A 138 19.45 -24.55 51.08
C GLU A 138 20.35 -23.31 51.07
N THR A 139 21.51 -23.41 50.43
CA THR A 139 22.50 -22.34 50.45
C THR A 139 22.32 -21.42 49.24
N PRO A 140 23.00 -20.26 49.23
CA PRO A 140 23.05 -19.45 48.00
C PRO A 140 23.48 -20.28 46.78
N GLY A 141 22.93 -19.91 45.63
CA GLY A 141 23.36 -20.59 44.40
C GLY A 141 24.51 -19.86 43.72
N ILE A 142 25.00 -20.40 42.61
CA ILE A 142 26.10 -19.76 41.86
C ILE A 142 25.47 -18.80 40.84
N ARG A 143 25.77 -17.51 40.96
CA ARG A 143 25.16 -16.49 40.07
C ARG A 143 26.11 -16.17 38.92
N TYR A 144 25.63 -16.24 37.68
CA TYR A 144 26.46 -15.85 36.52
C TYR A 144 25.71 -14.86 35.64
N GLN A 145 26.42 -14.20 34.73
CA GLN A 145 25.82 -13.31 33.75
C GLN A 145 26.49 -13.58 32.40
N TYR A 146 25.79 -13.20 31.34
CA TYR A 146 26.32 -13.38 29.99
C TYR A 146 27.19 -12.20 29.61
N ASN A 147 28.28 -12.51 28.89
CA ASN A 147 29.09 -11.50 28.22
C ASN A 147 28.88 -11.52 26.74
N VAL A 148 28.27 -12.58 26.22
CA VAL A 148 27.98 -12.71 24.81
C VAL A 148 26.46 -12.68 24.63
N LEU A 149 26.03 -12.71 23.38
CA LEU A 149 24.60 -12.71 23.09
C LEU A 149 23.98 -14.02 23.54
N PRO A 150 23.06 -14.02 24.50
CA PRO A 150 22.48 -15.28 24.95
C PRO A 150 21.47 -15.77 23.94
N GLN A 151 21.38 -17.08 23.78
CA GLN A 151 20.35 -17.65 22.93
C GLN A 151 19.00 -17.55 23.61
N GLY A 152 18.00 -17.11 22.84
CA GLY A 152 16.65 -16.93 23.37
C GLY A 152 16.31 -15.51 23.78
N TRP A 153 17.28 -14.60 23.78
CA TRP A 153 17.01 -13.20 24.04
C TRP A 153 16.65 -12.54 22.72
N LYS A 154 15.73 -11.57 22.77
CA LYS A 154 15.15 -11.11 21.51
C LYS A 154 16.09 -10.22 20.73
N GLY A 155 17.13 -9.67 21.39
CA GLY A 155 18.14 -8.90 20.66
C GLY A 155 19.18 -9.73 19.95
N SER A 156 19.24 -11.02 20.21
CA SER A 156 20.37 -11.79 19.69
C SER A 156 20.32 -11.91 18.18
N PRO A 157 19.22 -12.33 17.55
CA PRO A 157 19.19 -12.34 16.07
C PRO A 157 19.61 -11.01 15.44
N ALA A 158 19.07 -9.89 15.94
CA ALA A 158 19.37 -8.59 15.37
C ALA A 158 20.83 -8.22 15.53
N ILE A 159 21.37 -8.33 16.76
CA ILE A 159 22.72 -7.88 17.01
C ILE A 159 23.71 -8.83 16.34
N PHE A 160 23.40 -10.13 16.30
CA PHE A 160 24.25 -11.04 15.56
C PHE A 160 24.32 -10.70 14.07
N GLN A 161 23.17 -10.61 13.42
CA GLN A 161 23.20 -10.41 11.98
C GLN A 161 23.84 -9.07 11.67
N SER A 162 23.70 -8.11 12.57
CA SER A 162 24.31 -6.81 12.37
C SER A 162 25.81 -6.87 12.55
N SER A 163 26.26 -7.59 13.60
CA SER A 163 27.68 -7.80 13.81
C SER A 163 28.34 -8.43 12.58
N MET A 164 27.70 -9.48 12.02
CA MET A 164 28.25 -10.11 10.83
C MET A 164 28.24 -9.17 9.61
N THR A 165 27.29 -8.25 9.51
CA THR A 165 27.35 -7.31 8.41
C THR A 165 28.55 -6.38 8.53
N LYS A 166 28.79 -5.83 9.73
CA LYS A 166 29.97 -4.99 9.91
C LYS A 166 31.26 -5.76 9.64
N ILE A 167 31.32 -7.04 10.02
CA ILE A 167 32.52 -7.84 9.81
C ILE A 167 32.76 -8.09 8.33
N LEU A 168 31.69 -8.36 7.57
CA LEU A 168 31.85 -8.76 6.18
C LEU A 168 32.05 -7.59 5.25
N GLU A 169 31.67 -6.37 5.64
CA GLU A 169 31.63 -5.30 4.66
C GLU A 169 33.01 -4.86 4.16
N PRO A 170 34.13 -5.06 4.90
CA PRO A 170 35.43 -4.89 4.26
C PRO A 170 35.63 -5.87 3.12
N PHE A 171 35.56 -7.17 3.45
CA PHE A 171 35.79 -8.21 2.44
C PHE A 171 34.86 -8.07 1.25
N ARG A 172 33.64 -7.56 1.45
CA ARG A 172 32.74 -7.35 0.34
C ARG A 172 33.23 -6.22 -0.56
N LYS A 173 33.56 -5.07 0.01
CA LYS A 173 34.00 -3.96 -0.82
C LYS A 173 35.37 -4.25 -1.46
N GLN A 174 36.20 -5.06 -0.82
CA GLN A 174 37.46 -5.47 -1.41
C GLN A 174 37.29 -6.63 -2.38
N ASN A 175 36.03 -7.08 -2.56
CA ASN A 175 35.71 -8.21 -3.47
C ASN A 175 34.23 -8.15 -3.90
N PRO A 176 33.76 -7.10 -4.61
CA PRO A 176 32.33 -6.97 -4.92
C PRO A 176 31.83 -8.16 -5.77
N ASP A 177 32.66 -8.64 -6.71
CA ASP A 177 32.26 -9.76 -7.60
C ASP A 177 31.69 -10.92 -6.78
N ILE A 178 32.17 -11.12 -5.54
CA ILE A 178 31.74 -12.27 -4.76
C ILE A 178 30.46 -11.91 -4.02
N VAL A 179 29.53 -12.84 -3.96
CA VAL A 179 28.31 -12.63 -3.21
C VAL A 179 28.32 -13.57 -2.01
N ILE A 180 27.88 -13.03 -0.87
CA ILE A 180 27.78 -13.75 0.38
C ILE A 180 26.38 -13.50 0.94
N TYR A 181 25.72 -14.56 1.39
CA TYR A 181 24.38 -14.40 1.96
C TYR A 181 24.44 -14.71 3.45
N GLN A 182 24.01 -13.72 4.26
CA GLN A 182 23.82 -13.89 5.69
C GLN A 182 22.37 -14.31 5.98
N TYR A 183 22.20 -15.51 6.54
CA TYR A 183 20.94 -15.89 7.16
C TYR A 183 21.26 -16.68 8.42
N MET A 184 20.95 -16.09 9.58
CA MET A 184 21.15 -16.71 10.91
C MET A 184 22.63 -17.04 11.04
N ASP A 185 23.00 -18.28 11.35
CA ASP A 185 24.40 -18.68 11.42
C ASP A 185 25.04 -18.87 10.04
N ASP A 186 24.23 -19.04 8.99
CA ASP A 186 24.73 -19.49 7.68
C ASP A 186 25.47 -18.39 6.94
N LEU A 187 26.57 -18.78 6.27
CA LEU A 187 27.26 -17.99 5.25
C LEU A 187 27.31 -18.82 3.97
N TYR A 188 26.60 -18.35 2.94
CA TYR A 188 26.67 -18.96 1.62
C TYR A 188 27.42 -18.01 0.70
N VAL A 189 28.40 -18.54 -0.05
CA VAL A 189 29.31 -17.66 -0.78
C VAL A 189 29.40 -18.10 -2.24
N GLY A 190 29.05 -17.20 -3.16
CA GLY A 190 29.05 -17.50 -4.57
C GLY A 190 29.95 -16.57 -5.35
N SER A 191 30.49 -17.09 -6.47
CA SER A 191 31.35 -16.30 -7.33
C SER A 191 31.34 -16.87 -8.74
N ASP A 192 31.81 -16.04 -9.66
CA ASP A 192 31.97 -16.42 -11.07
C ASP A 192 33.42 -16.72 -11.44
N LEU A 193 34.26 -17.07 -10.45
CA LEU A 193 35.64 -17.44 -10.67
C LEU A 193 35.76 -18.95 -10.87
N GLU A 194 36.88 -19.36 -11.47
CA GLU A 194 37.16 -20.77 -11.68
C GLU A 194 37.44 -21.46 -10.35
N ILE A 195 36.98 -22.71 -10.23
CA ILE A 195 36.98 -23.44 -8.96
C ILE A 195 38.35 -23.47 -8.29
N GLY A 196 39.43 -23.18 -9.01
CA GLY A 196 40.71 -22.95 -8.36
C GLY A 196 40.77 -21.59 -7.67
N GLN A 197 40.78 -20.52 -8.46
CA GLN A 197 40.88 -19.17 -7.90
C GLN A 197 39.73 -18.85 -6.94
N HIS A 198 38.60 -19.56 -7.07
CA HIS A 198 37.47 -19.35 -6.16
C HIS A 198 37.80 -19.86 -4.75
N ARG A 199 38.21 -21.12 -4.64
CA ARG A 199 38.62 -21.65 -3.35
C ARG A 199 39.80 -20.89 -2.75
N THR A 200 40.57 -20.18 -3.58
CA THR A 200 41.53 -19.21 -3.07
C THR A 200 40.84 -18.07 -2.34
N LYS A 201 39.74 -17.54 -2.91
CA LYS A 201 39.05 -16.41 -2.29
C LYS A 201 38.28 -16.83 -1.06
N ILE A 202 37.82 -18.08 -0.99
CA ILE A 202 37.14 -18.54 0.22
C ILE A 202 38.12 -18.56 1.39
N GLU A 203 39.41 -18.80 1.13
CA GLU A 203 40.33 -18.89 2.24
C GLU A 203 40.62 -17.51 2.83
N GLU A 204 40.85 -16.50 1.97
CA GLU A 204 40.95 -15.13 2.46
C GLU A 204 39.75 -14.77 3.32
N LEU A 205 38.57 -15.22 2.92
CA LEU A 205 37.36 -14.96 3.69
C LEU A 205 37.44 -15.64 5.05
N ARG A 206 37.71 -16.96 5.08
CA ARG A 206 37.91 -17.65 6.34
C ARG A 206 38.96 -16.94 7.21
N GLN A 207 40.13 -16.64 6.63
CA GLN A 207 41.16 -15.96 7.40
C GLN A 207 40.72 -14.55 7.80
N HIS A 208 39.96 -13.87 6.95
CA HIS A 208 39.36 -12.62 7.40
C HIS A 208 38.33 -12.85 8.49
N LEU A 209 37.69 -14.03 8.52
CA LEU A 209 36.70 -14.28 9.57
C LEU A 209 37.37 -14.57 10.90
N LEU A 210 38.36 -15.47 10.88
CA LEU A 210 39.05 -15.82 12.12
C LEU A 210 39.77 -14.63 12.72
N ARG A 211 40.23 -13.67 11.91
CA ARG A 211 40.79 -12.46 12.50
C ARG A 211 39.74 -11.66 13.25
N TRP A 212 38.46 -12.05 13.14
CA TRP A 212 37.36 -11.45 13.88
C TRP A 212 36.67 -12.46 14.77
N GLY A 213 37.32 -13.59 15.00
CA GLY A 213 36.86 -14.53 16.01
C GLY A 213 35.69 -15.36 15.58
N LEU A 214 35.56 -15.62 14.29
CA LEU A 214 34.51 -16.48 13.78
C LEU A 214 35.20 -17.62 13.08
N THR A 215 35.16 -18.79 13.72
CA THR A 215 35.74 -20.01 13.19
C THR A 215 34.74 -20.74 12.30
N THR A 216 35.26 -21.42 11.27
CA THR A 216 34.41 -22.18 10.35
C THR A 216 34.92 -23.62 10.20
N LYS A 223 29.39 -26.23 -0.33
CA LYS A 223 29.22 -27.71 -0.34
C LYS A 223 28.70 -28.15 -1.72
N GLU A 224 27.91 -29.23 -1.70
CA GLU A 224 27.49 -29.89 -2.96
C GLU A 224 26.46 -29.08 -3.74
N PRO A 225 26.44 -29.21 -5.08
CA PRO A 225 25.51 -28.46 -5.90
C PRO A 225 24.10 -28.40 -5.30
N PRO A 226 23.35 -29.50 -5.10
CA PRO A 226 21.96 -29.38 -4.65
C PRO A 226 21.90 -28.79 -3.24
N PHE A 227 21.73 -27.47 -3.11
CA PHE A 227 21.56 -26.93 -1.74
C PHE A 227 20.07 -26.87 -1.39
N LEU A 228 19.61 -27.75 -0.49
CA LEU A 228 18.22 -27.66 -0.05
C LEU A 228 18.09 -26.45 0.87
N TRP A 229 17.48 -25.39 0.40
CA TRP A 229 17.39 -24.14 1.15
C TRP A 229 15.99 -23.58 1.11
N MET A 230 15.44 -23.25 2.28
CA MET A 230 14.25 -22.40 2.40
C MET A 230 13.06 -22.97 1.63
N GLY A 231 13.07 -24.27 1.42
CA GLY A 231 12.03 -24.95 0.68
C GLY A 231 12.41 -25.23 -0.75
N TYR A 232 13.53 -24.68 -1.21
CA TYR A 232 13.97 -24.75 -2.60
C TYR A 232 15.14 -25.72 -2.76
N GLU A 233 15.38 -26.08 -4.00
CA GLU A 233 16.57 -26.83 -4.37
C GLU A 233 17.40 -25.94 -5.28
N LEU A 234 18.52 -25.46 -4.76
CA LEU A 234 19.43 -24.62 -5.54
C LEU A 234 20.48 -25.46 -6.23
N HIS A 235 20.68 -25.22 -7.51
CA HIS A 235 21.82 -25.66 -8.28
C HIS A 235 22.54 -24.43 -8.79
N PRO A 236 23.79 -24.55 -9.21
CA PRO A 236 24.50 -23.33 -9.67
C PRO A 236 23.85 -22.64 -10.87
N ASP A 237 23.18 -23.39 -11.76
CA ASP A 237 22.56 -22.81 -12.96
C ASP A 237 21.03 -22.97 -13.03
N LYS A 238 20.38 -23.54 -12.02
CA LYS A 238 18.93 -23.62 -12.02
C LYS A 238 18.45 -23.74 -10.58
N TRP A 239 17.15 -23.59 -10.40
CA TRP A 239 16.53 -23.79 -9.11
C TRP A 239 15.19 -24.45 -9.34
N THR A 240 14.67 -25.07 -8.30
CA THR A 240 13.31 -25.61 -8.33
C THR A 240 12.80 -25.63 -6.89
N VAL A 241 11.63 -26.12 -6.73
CA VAL A 241 11.12 -26.34 -5.38
C VAL A 241 11.58 -27.72 -4.94
N GLN A 242 11.85 -27.86 -3.65
CA GLN A 242 12.29 -29.15 -3.15
C GLN A 242 11.15 -30.15 -3.25
N PRO A 243 11.49 -31.43 -3.49
CA PRO A 243 10.52 -32.38 -4.06
C PRO A 243 9.12 -32.38 -3.47
N ILE A 244 8.11 -32.35 -4.33
CA ILE A 244 6.71 -32.34 -3.94
C ILE A 244 6.20 -33.77 -4.03
N VAL A 245 5.84 -34.37 -2.90
CA VAL A 245 5.18 -35.66 -2.86
C VAL A 245 3.72 -35.44 -2.48
N LEU A 246 2.81 -35.75 -3.39
CA LEU A 246 1.39 -35.77 -3.04
C LEU A 246 1.05 -37.15 -2.49
N PRO A 247 0.58 -37.26 -1.25
CA PRO A 247 0.19 -38.58 -0.74
C PRO A 247 -0.89 -39.21 -1.60
N GLU A 248 -0.95 -40.54 -1.56
CA GLU A 248 -1.99 -41.31 -2.28
C GLU A 248 -2.88 -41.91 -1.20
N LYS A 249 -3.88 -41.15 -0.79
CA LYS A 249 -4.75 -41.54 0.30
C LYS A 249 -6.11 -41.93 -0.26
N ASP A 250 -6.77 -42.84 0.45
CA ASP A 250 -8.16 -43.16 0.17
C ASP A 250 -9.09 -42.23 0.92
N SER A 251 -8.74 -41.91 2.16
CA SER A 251 -9.50 -40.98 2.97
C SER A 251 -8.68 -39.71 3.18
N TRP A 252 -9.30 -38.56 2.97
CA TRP A 252 -8.63 -37.27 3.17
C TRP A 252 -9.20 -36.57 4.39
N THR A 253 -8.34 -36.22 5.32
CA THR A 253 -8.77 -35.39 6.44
C THR A 253 -8.57 -33.94 6.09
N VAL A 254 -9.30 -33.06 6.80
CA VAL A 254 -9.07 -31.62 6.71
C VAL A 254 -7.58 -31.31 6.82
N ASN A 255 -6.90 -31.92 7.79
CA ASN A 255 -5.48 -31.68 7.96
C ASN A 255 -4.68 -32.18 6.75
N ASP A 256 -5.11 -33.28 6.12
CA ASP A 256 -4.43 -33.74 4.91
C ASP A 256 -4.60 -32.77 3.75
N ILE A 257 -5.82 -32.23 3.59
CA ILE A 257 -6.08 -31.33 2.48
C ILE A 257 -5.41 -29.97 2.70
N GLN A 258 -5.37 -29.49 3.94
CA GLN A 258 -4.67 -28.24 4.21
C GLN A 258 -3.20 -28.37 3.87
N LYS A 259 -2.58 -29.49 4.22
CA LYS A 259 -1.18 -29.69 3.84
C LYS A 259 -1.03 -29.81 2.33
N LEU A 260 -1.97 -30.48 1.66
CA LEU A 260 -1.89 -30.57 0.20
C LEU A 260 -2.05 -29.21 -0.47
N VAL A 261 -3.06 -28.44 -0.06
CA VAL A 261 -3.20 -27.08 -0.59
C VAL A 261 -1.90 -26.29 -0.39
N GLY A 262 -1.22 -26.50 0.74
CA GLY A 262 0.03 -25.80 0.99
C GLY A 262 1.16 -26.22 0.05
N LYS A 263 1.34 -27.52 -0.14
CA LYS A 263 2.40 -27.97 -1.05
C LYS A 263 2.12 -27.53 -2.47
N LEU A 264 0.85 -27.57 -2.89
CA LEU A 264 0.50 -27.16 -4.24
C LEU A 264 0.74 -25.67 -4.44
N ASN A 265 0.24 -24.86 -3.48
CA ASN A 265 0.54 -23.43 -3.46
C ASN A 265 2.05 -23.20 -3.57
N TRP A 266 2.84 -23.96 -2.81
CA TRP A 266 4.28 -23.82 -2.90
C TRP A 266 4.79 -24.29 -4.26
N ALA A 267 4.32 -25.43 -4.73
CA ALA A 267 4.80 -25.92 -6.02
C ALA A 267 4.43 -24.96 -7.13
N SER A 268 3.39 -24.13 -6.96
CA SER A 268 3.02 -23.30 -8.09
C SER A 268 4.01 -22.16 -8.37
N GLN A 269 5.10 -22.03 -7.59
CA GLN A 269 6.10 -21.01 -7.91
C GLN A 269 6.87 -21.32 -9.19
N ILE A 270 6.90 -22.59 -9.61
CA ILE A 270 7.70 -22.97 -10.77
C ILE A 270 6.93 -23.94 -11.67
N TYR A 271 6.03 -24.73 -11.10
CA TYR A 271 5.15 -25.58 -11.89
C TYR A 271 3.95 -24.78 -12.44
N PRO A 272 3.89 -24.59 -13.75
CA PRO A 272 2.83 -23.75 -14.32
C PRO A 272 1.48 -24.46 -14.28
N GLY A 273 0.44 -23.67 -14.05
CA GLY A 273 -0.93 -24.13 -14.15
C GLY A 273 -1.46 -25.00 -13.02
N ILE A 274 -0.80 -24.99 -11.86
CA ILE A 274 -1.36 -25.71 -10.71
C ILE A 274 -2.67 -25.08 -10.32
N LYS A 275 -3.70 -25.91 -10.16
CA LYS A 275 -5.01 -25.41 -9.75
C LYS A 275 -5.33 -25.95 -8.37
N VAL A 276 -5.90 -25.11 -7.50
CA VAL A 276 -6.26 -25.53 -6.15
C VAL A 276 -7.68 -25.16 -5.76
N ARG A 277 -8.45 -24.45 -6.61
CA ARG A 277 -9.72 -23.93 -6.13
C ARG A 277 -10.63 -25.06 -5.66
N GLN A 278 -10.76 -26.12 -6.46
CA GLN A 278 -11.68 -27.19 -6.10
C GLN A 278 -11.28 -27.87 -4.80
N LEU A 279 -9.98 -27.90 -4.50
CA LEU A 279 -9.54 -28.42 -3.20
C LEU A 279 -9.85 -27.45 -2.08
N CYS A 280 -9.68 -26.15 -2.32
CA CYS A 280 -9.97 -25.15 -1.29
C CYS A 280 -11.46 -25.11 -0.94
N LYS A 281 -12.33 -25.32 -1.93
CA LYS A 281 -13.77 -25.29 -1.68
C LYS A 281 -14.15 -26.29 -0.58
N LEU A 282 -13.45 -27.41 -0.49
CA LEU A 282 -13.75 -28.40 0.54
C LEU A 282 -13.45 -27.86 1.94
N LEU A 283 -12.35 -27.12 2.10
CA LEU A 283 -11.99 -26.62 3.42
C LEU A 283 -13.04 -25.67 4.00
N ARG A 284 -13.94 -25.14 3.18
CA ARG A 284 -14.93 -24.21 3.67
C ARG A 284 -15.93 -24.96 4.54
N GLY A 285 -16.22 -24.39 5.70
CA GLY A 285 -16.85 -25.11 6.78
C GLY A 285 -16.03 -24.97 8.04
N THR A 286 -16.55 -25.58 9.11
CA THR A 286 -15.94 -25.45 10.42
C THR A 286 -15.44 -26.77 10.95
N LYS A 287 -15.27 -27.78 10.09
CA LYS A 287 -15.02 -29.13 10.59
C LYS A 287 -13.65 -29.27 11.26
N ALA A 288 -13.53 -30.30 12.10
CA ALA A 288 -12.31 -30.55 12.85
C ALA A 288 -11.16 -31.00 11.94
N LEU A 289 -9.91 -30.75 12.40
CA LEU A 289 -8.72 -31.18 11.67
C LEU A 289 -8.74 -32.68 11.32
N THR A 290 -9.37 -33.50 12.15
CA THR A 290 -9.32 -34.94 12.02
C THR A 290 -10.44 -35.48 11.13
N GLU A 291 -11.45 -34.69 10.82
CA GLU A 291 -12.58 -35.17 10.05
C GLU A 291 -12.20 -35.46 8.60
N VAL A 292 -12.81 -36.49 8.02
CA VAL A 292 -12.55 -36.84 6.63
C VAL A 292 -13.58 -36.16 5.75
N ILE A 293 -13.11 -35.57 4.66
CA ILE A 293 -13.97 -34.94 3.67
C ILE A 293 -13.91 -35.80 2.41
N PRO A 294 -15.03 -36.29 1.93
CA PRO A 294 -15.03 -36.93 0.60
C PRO A 294 -14.71 -35.93 -0.49
N LEU A 295 -13.84 -36.32 -1.41
CA LEU A 295 -13.49 -35.43 -2.50
C LEU A 295 -14.66 -35.33 -3.47
N THR A 296 -15.04 -34.09 -3.81
CA THR A 296 -16.06 -33.88 -4.82
C THR A 296 -15.53 -34.39 -6.16
N GLU A 297 -16.38 -34.34 -7.20
CA GLU A 297 -15.93 -34.79 -8.52
C GLU A 297 -14.93 -33.79 -9.10
N GLU A 298 -15.23 -32.50 -8.99
CA GLU A 298 -14.31 -31.50 -9.53
C GLU A 298 -13.02 -31.45 -8.73
N ALA A 299 -13.05 -31.68 -7.41
CA ALA A 299 -11.81 -31.71 -6.65
C ALA A 299 -10.92 -32.85 -7.08
N GLU A 300 -11.49 -34.04 -7.28
CA GLU A 300 -10.68 -35.16 -7.76
C GLU A 300 -10.23 -34.95 -9.20
N LEU A 301 -10.96 -34.12 -9.96
CA LEU A 301 -10.48 -33.73 -11.28
C LEU A 301 -9.28 -32.79 -11.19
N GLU A 302 -9.31 -31.83 -10.26
CA GLU A 302 -8.15 -30.95 -10.08
C GLU A 302 -6.95 -31.72 -9.52
N LEU A 303 -7.14 -32.56 -8.51
CA LEU A 303 -6.04 -33.39 -8.03
C LEU A 303 -5.41 -34.17 -9.16
N ALA A 304 -6.21 -34.60 -10.14
CA ALA A 304 -5.66 -35.33 -11.27
C ALA A 304 -4.71 -34.46 -12.08
N GLU A 305 -5.21 -33.32 -12.57
CA GLU A 305 -4.38 -32.38 -13.33
C GLU A 305 -3.13 -31.99 -12.55
N ASN A 306 -3.25 -31.80 -11.23
CA ASN A 306 -2.06 -31.47 -10.44
C ASN A 306 -1.06 -32.61 -10.44
N ARG A 307 -1.54 -33.85 -10.24
CA ARG A 307 -0.61 -34.98 -10.24
C ARG A 307 0.14 -35.09 -11.56
N GLU A 308 -0.51 -34.71 -12.67
CA GLU A 308 0.11 -34.82 -13.98
C GLU A 308 1.13 -33.71 -14.20
N ILE A 309 0.78 -32.46 -13.82
CA ILE A 309 1.72 -31.36 -13.91
C ILE A 309 3.01 -31.65 -13.16
N LEU A 310 2.91 -32.38 -12.05
CA LEU A 310 4.07 -32.65 -11.21
C LEU A 310 4.87 -33.85 -11.68
N LYS A 311 4.39 -34.54 -12.73
CA LYS A 311 4.94 -35.83 -13.17
C LYS A 311 6.46 -35.76 -13.33
N GLU A 312 6.91 -34.93 -14.26
CA GLU A 312 8.31 -34.77 -14.56
C GLU A 312 8.85 -33.50 -13.91
N PRO A 313 10.07 -33.54 -13.37
CA PRO A 313 10.62 -32.35 -12.73
C PRO A 313 10.68 -31.14 -13.66
N VAL A 314 10.36 -30.00 -13.10
CA VAL A 314 10.47 -28.69 -13.75
C VAL A 314 11.47 -27.88 -12.95
N HIS A 315 12.31 -27.11 -13.65
N HIS A 315 12.27 -27.07 -13.65
CA HIS A 315 13.24 -26.24 -12.97
CA HIS A 315 13.28 -26.26 -13.00
C HIS A 315 13.03 -24.80 -13.42
C HIS A 315 13.14 -24.82 -13.47
N GLY A 316 13.59 -23.88 -12.64
CA GLY A 316 13.54 -22.47 -12.94
C GLY A 316 14.94 -22.02 -13.27
N VAL A 317 15.06 -20.99 -14.09
CA VAL A 317 16.38 -20.46 -14.40
C VAL A 317 16.59 -19.23 -13.55
N TYR A 318 17.78 -18.65 -13.63
CA TYR A 318 18.12 -17.48 -12.84
C TYR A 318 18.08 -16.25 -13.74
N TYR A 319 18.37 -15.11 -13.14
CA TYR A 319 18.04 -13.83 -13.73
C TYR A 319 19.28 -13.26 -14.39
N ASP A 320 19.10 -12.82 -15.63
CA ASP A 320 20.15 -12.14 -16.38
C ASP A 320 19.79 -10.66 -16.36
N PRO A 321 20.53 -9.82 -15.65
CA PRO A 321 20.10 -8.43 -15.48
C PRO A 321 20.11 -7.62 -16.75
N SER A 322 20.75 -8.12 -17.80
CA SER A 322 20.90 -7.40 -19.06
C SER A 322 19.68 -7.51 -19.97
N LYS A 323 18.68 -8.33 -19.62
CA LYS A 323 17.57 -8.67 -20.49
C LYS A 323 16.23 -8.25 -19.88
N ASP A 324 15.28 -7.93 -20.75
CA ASP A 324 13.93 -7.65 -20.30
C ASP A 324 13.30 -8.88 -19.64
N LEU A 325 12.32 -8.64 -18.77
CA LEU A 325 11.43 -9.68 -18.26
C LEU A 325 10.12 -9.67 -19.04
N ILE A 326 9.62 -10.86 -19.35
CA ILE A 326 8.33 -11.00 -20.01
C ILE A 326 7.41 -11.69 -19.04
N ALA A 327 6.25 -11.12 -18.79
CA ALA A 327 5.23 -11.75 -17.97
C ALA A 327 4.04 -12.07 -18.86
N GLU A 328 3.65 -13.34 -18.92
CA GLU A 328 2.47 -13.81 -19.64
C GLU A 328 1.42 -14.25 -18.63
N ILE A 329 0.18 -13.90 -18.88
CA ILE A 329 -0.93 -14.29 -18.01
C ILE A 329 -1.93 -15.10 -18.84
N GLN A 330 -2.46 -16.16 -18.26
CA GLN A 330 -3.54 -16.90 -18.90
C GLN A 330 -4.66 -17.04 -17.91
N LYS A 331 -5.88 -16.87 -18.42
CA LYS A 331 -7.08 -17.12 -17.63
C LYS A 331 -7.34 -18.63 -17.60
N GLN A 332 -7.56 -19.16 -16.41
CA GLN A 332 -7.93 -20.56 -16.21
C GLN A 332 -9.38 -20.72 -15.79
N GLY A 333 -10.18 -19.66 -15.88
CA GLY A 333 -11.60 -19.73 -15.58
C GLY A 333 -11.84 -19.71 -14.08
N GLN A 334 -13.11 -19.56 -13.72
CA GLN A 334 -13.53 -19.54 -12.32
C GLN A 334 -12.78 -18.48 -11.52
N GLY A 335 -12.31 -17.41 -12.18
CA GLY A 335 -11.56 -16.37 -11.49
C GLY A 335 -10.17 -16.78 -11.09
N GLN A 336 -9.64 -17.86 -11.65
CA GLN A 336 -8.27 -18.30 -11.43
C GLN A 336 -7.39 -17.85 -12.58
N TRP A 337 -6.28 -17.19 -12.25
CA TRP A 337 -5.32 -16.73 -13.23
C TRP A 337 -3.98 -17.39 -12.98
N THR A 338 -3.22 -17.57 -14.05
CA THR A 338 -1.92 -18.19 -13.94
C THR A 338 -0.97 -17.38 -14.80
N TYR A 339 0.29 -17.31 -14.38
CA TYR A 339 1.26 -16.47 -15.08
C TYR A 339 2.64 -17.09 -15.08
N GLN A 340 3.44 -16.65 -16.04
CA GLN A 340 4.82 -17.10 -16.15
C GLN A 340 5.69 -15.90 -16.45
N ILE A 341 6.83 -15.84 -15.78
CA ILE A 341 7.81 -14.82 -16.05
C ILE A 341 9.02 -15.50 -16.65
N TYR A 342 9.48 -15.00 -17.79
CA TYR A 342 10.64 -15.54 -18.48
C TYR A 342 11.40 -14.41 -19.14
N GLN A 343 12.66 -14.69 -19.48
CA GLN A 343 13.44 -13.75 -20.29
C GLN A 343 13.73 -14.25 -21.70
N GLU A 344 14.01 -15.54 -21.86
CA GLU A 344 14.00 -16.18 -23.17
C GLU A 344 12.86 -17.19 -23.21
N PRO A 345 11.94 -17.10 -24.16
CA PRO A 345 10.85 -18.09 -24.22
C PRO A 345 11.39 -19.49 -24.45
N PHE A 346 10.84 -20.47 -23.73
CA PHE A 346 9.97 -20.25 -22.58
C PHE A 346 10.68 -20.78 -21.32
N LYS A 347 11.93 -20.37 -21.15
CA LYS A 347 12.78 -20.74 -20.00
C LYS A 347 12.38 -19.87 -18.81
N ASN A 348 11.49 -20.39 -17.97
CA ASN A 348 10.85 -19.63 -16.92
C ASN A 348 11.78 -19.30 -15.76
N LEU A 349 11.83 -18.02 -15.37
CA LEU A 349 12.40 -17.70 -14.05
C LEU A 349 11.44 -18.07 -12.92
N LYS A 350 10.14 -17.95 -13.15
CA LYS A 350 9.20 -18.15 -12.05
C LYS A 350 7.80 -18.25 -12.62
N THR A 351 6.94 -19.01 -11.96
CA THR A 351 5.52 -18.96 -12.28
C THR A 351 4.73 -18.63 -11.02
N GLY A 352 3.44 -18.41 -11.21
CA GLY A 352 2.56 -18.23 -10.09
C GLY A 352 1.12 -18.23 -10.54
N LYS A 353 0.24 -17.98 -9.58
CA LYS A 353 -1.18 -17.94 -9.84
C LYS A 353 -1.79 -16.79 -9.05
N TYR A 354 -2.80 -16.18 -9.64
CA TYR A 354 -3.62 -15.18 -8.97
C TYR A 354 -5.05 -15.69 -8.97
N ALA A 355 -5.69 -15.71 -7.80
CA ALA A 355 -7.08 -16.16 -7.78
C ALA A 355 -7.94 -15.43 -6.75
N ARG A 356 -7.54 -14.23 -6.33
CA ARG A 356 -8.31 -13.55 -5.30
C ARG A 356 -9.62 -12.99 -5.86
N MET A 357 -10.45 -12.49 -4.95
CA MET A 357 -11.72 -11.82 -5.28
C MET A 357 -11.70 -10.44 -4.60
N ARG A 358 -11.23 -9.43 -5.32
CA ARG A 358 -11.31 -8.06 -4.82
C ARG A 358 -12.72 -7.55 -5.10
N GLY A 359 -13.58 -7.62 -4.08
CA GLY A 359 -14.97 -7.20 -4.19
C GLY A 359 -15.93 -8.38 -4.22
N ALA A 360 -17.21 -8.03 -4.26
CA ALA A 360 -18.28 -9.01 -4.41
C ALA A 360 -18.56 -9.32 -5.87
N HIS A 361 -18.52 -8.30 -6.72
CA HIS A 361 -18.81 -8.41 -8.13
C HIS A 361 -17.63 -7.88 -8.92
N THR A 362 -17.23 -8.61 -9.95
CA THR A 362 -16.11 -8.13 -10.74
C THR A 362 -16.25 -8.65 -12.16
N ASN A 363 -15.39 -8.14 -13.04
CA ASN A 363 -15.29 -8.70 -14.35
C ASN A 363 -13.85 -9.07 -14.67
N ASP A 364 -13.70 -9.92 -15.69
CA ASP A 364 -12.38 -10.40 -16.11
C ASP A 364 -11.42 -9.26 -16.39
N VAL A 365 -11.91 -8.13 -16.91
CA VAL A 365 -10.98 -7.04 -17.18
C VAL A 365 -10.46 -6.47 -15.86
N LYS A 366 -11.35 -6.26 -14.89
CA LYS A 366 -10.91 -5.83 -13.57
C LYS A 366 -10.00 -6.87 -12.93
N GLN A 367 -10.32 -8.16 -13.07
CA GLN A 367 -9.50 -9.21 -12.49
C GLN A 367 -8.14 -9.29 -13.16
N LEU A 368 -8.09 -9.08 -14.47
CA LEU A 368 -6.83 -9.17 -15.16
C LEU A 368 -5.93 -8.01 -14.77
N THR A 369 -6.52 -6.81 -14.64
CA THR A 369 -5.73 -5.65 -14.19
C THR A 369 -5.18 -5.86 -12.80
N GLU A 370 -5.94 -6.48 -11.92
CA GLU A 370 -5.40 -6.59 -10.58
C GLU A 370 -4.38 -7.72 -10.48
N ALA A 371 -4.47 -8.73 -11.37
CA ALA A 371 -3.39 -9.69 -11.54
C ALA A 371 -2.15 -9.03 -12.12
N VAL A 372 -2.33 -8.05 -13.00
CA VAL A 372 -1.16 -7.36 -13.52
C VAL A 372 -0.47 -6.58 -12.41
N GLN A 373 -1.25 -5.90 -11.56
CA GLN A 373 -0.65 -5.11 -10.49
C GLN A 373 0.12 -6.00 -9.54
N LYS A 374 -0.40 -7.19 -9.29
CA LYS A 374 0.23 -8.05 -8.32
C LYS A 374 1.54 -8.62 -8.87
N ILE A 375 1.55 -9.04 -10.14
CA ILE A 375 2.80 -9.45 -10.78
C ILE A 375 3.79 -8.28 -10.84
N THR A 376 3.31 -7.08 -11.06
CA THR A 376 4.17 -5.91 -11.16
C THR A 376 4.90 -5.62 -9.83
N THR A 377 4.17 -5.63 -8.72
CA THR A 377 4.78 -5.42 -7.41
C THR A 377 5.80 -6.52 -7.10
N GLU A 378 5.41 -7.79 -7.32
CA GLU A 378 6.34 -8.90 -7.17
C GLU A 378 7.60 -8.66 -7.96
N SER A 379 7.47 -8.19 -9.20
CA SER A 379 8.64 -7.96 -10.04
C SER A 379 9.57 -6.92 -9.44
N ILE A 380 9.01 -5.83 -8.93
CA ILE A 380 9.86 -4.79 -8.38
C ILE A 380 10.58 -5.32 -7.14
N VAL A 381 9.92 -6.16 -6.37
CA VAL A 381 10.56 -6.80 -5.23
C VAL A 381 11.70 -7.68 -5.70
N ILE A 382 11.46 -8.52 -6.71
CA ILE A 382 12.43 -9.57 -7.00
C ILE A 382 13.52 -9.08 -7.93
N TRP A 383 13.17 -8.30 -8.95
CA TRP A 383 14.18 -7.88 -9.90
C TRP A 383 14.37 -6.39 -9.95
N GLY A 384 13.54 -5.60 -9.28
CA GLY A 384 13.74 -4.18 -9.34
C GLY A 384 13.26 -3.52 -10.60
N LYS A 385 12.52 -4.23 -11.44
CA LYS A 385 11.93 -3.58 -12.60
C LYS A 385 10.67 -4.33 -12.99
N THR A 386 9.75 -3.61 -13.63
CA THR A 386 8.51 -4.19 -14.12
C THR A 386 8.76 -5.02 -15.38
N PRO A 387 8.00 -6.09 -15.59
CA PRO A 387 8.14 -6.84 -16.83
C PRO A 387 7.29 -6.23 -17.95
N LYS A 388 7.65 -6.59 -19.17
CA LYS A 388 6.82 -6.35 -20.33
C LYS A 388 5.71 -7.39 -20.34
N PHE A 389 4.46 -6.96 -20.41
CA PHE A 389 3.39 -7.95 -20.28
C PHE A 389 2.88 -8.47 -21.63
N LYS A 390 2.40 -9.71 -21.61
CA LYS A 390 1.66 -10.32 -22.71
C LYS A 390 0.35 -10.83 -22.13
N LEU A 391 -0.76 -10.21 -22.54
CA LEU A 391 -2.05 -10.39 -21.91
C LEU A 391 -3.10 -10.94 -22.89
N PRO A 392 -3.93 -11.83 -22.44
CA PRO A 392 -4.99 -12.37 -23.30
C PRO A 392 -6.18 -11.42 -23.46
N ILE A 393 -5.91 -10.18 -23.81
CA ILE A 393 -6.95 -9.17 -23.95
C ILE A 393 -6.62 -8.27 -25.13
N GLN A 394 -7.64 -7.96 -25.91
CA GLN A 394 -7.45 -7.10 -27.07
C GLN A 394 -7.16 -5.68 -26.62
N LYS A 395 -6.22 -5.03 -27.28
CA LYS A 395 -5.93 -3.65 -26.94
C LYS A 395 -7.19 -2.80 -26.92
N GLU A 396 -8.14 -3.06 -27.80
CA GLU A 396 -9.31 -2.20 -27.83
C GLU A 396 -10.37 -2.59 -26.80
N THR A 397 -10.50 -3.87 -26.45
CA THR A 397 -11.28 -4.22 -25.27
C THR A 397 -10.84 -3.41 -24.06
N TRP A 398 -9.53 -3.22 -23.91
CA TRP A 398 -9.03 -2.59 -22.70
C TRP A 398 -9.23 -1.08 -22.74
N GLU A 399 -8.88 -0.46 -23.87
CA GLU A 399 -9.14 0.96 -24.10
C GLU A 399 -10.62 1.29 -23.90
N THR A 400 -11.51 0.46 -24.44
CA THR A 400 -12.93 0.63 -24.20
C THR A 400 -13.23 0.67 -22.71
N TRP A 401 -12.70 -0.30 -21.97
CA TRP A 401 -13.11 -0.46 -20.59
C TRP A 401 -12.56 0.67 -19.72
N TRP A 402 -11.26 0.91 -19.76
CA TRP A 402 -10.72 1.77 -18.71
C TRP A 402 -10.91 3.25 -19.00
N THR A 403 -11.39 3.62 -20.17
CA THR A 403 -11.71 5.03 -20.38
C THR A 403 -13.12 5.37 -19.92
N GLU A 404 -14.05 4.41 -20.02
CA GLU A 404 -15.41 4.59 -19.55
C GLU A 404 -15.56 4.33 -18.07
N TYR A 405 -14.68 3.51 -17.49
CA TYR A 405 -14.76 3.15 -16.09
C TYR A 405 -14.33 4.32 -15.22
N TRP A 406 -14.86 4.37 -14.00
CA TRP A 406 -14.64 5.56 -13.17
C TRP A 406 -13.34 5.51 -12.38
N GLN A 407 -12.92 4.36 -11.86
CA GLN A 407 -11.60 4.26 -11.23
C GLN A 407 -10.47 4.51 -12.24
N ALA A 408 -9.34 4.98 -11.72
CA ALA A 408 -8.16 5.22 -12.54
C ALA A 408 -7.33 3.94 -12.69
N THR A 409 -6.60 3.82 -13.80
CA THR A 409 -5.70 2.68 -13.88
C THR A 409 -4.54 2.96 -14.80
N TRP A 410 -3.62 2.00 -14.82
CA TRP A 410 -2.44 2.12 -15.69
C TRP A 410 -1.77 0.75 -15.61
N ILE A 411 -1.78 -0.01 -16.70
CA ILE A 411 -0.98 -1.26 -16.69
C ILE A 411 0.20 -0.86 -17.58
N PRO A 412 1.45 -1.31 -17.33
CA PRO A 412 2.60 -0.84 -18.12
C PRO A 412 2.68 -1.50 -19.50
N GLU A 413 3.78 -1.27 -20.23
CA GLU A 413 3.95 -1.81 -21.60
C GLU A 413 3.39 -3.24 -21.69
N TRP A 414 2.41 -3.46 -22.58
CA TRP A 414 1.89 -4.80 -22.77
C TRP A 414 1.49 -5.01 -24.23
N GLU A 415 1.18 -6.26 -24.52
CA GLU A 415 0.93 -6.70 -25.87
C GLU A 415 -0.15 -7.76 -25.81
N PHE A 416 -1.03 -7.75 -26.79
CA PHE A 416 -2.01 -8.81 -26.89
C PHE A 416 -1.32 -10.08 -27.34
N VAL A 417 -1.74 -11.19 -26.74
CA VAL A 417 -1.25 -12.51 -27.08
C VAL A 417 -2.48 -13.40 -27.14
N ASN A 418 -2.69 -14.06 -28.28
CA ASN A 418 -3.90 -14.84 -28.47
C ASN A 418 -3.71 -16.21 -27.83
N THR A 419 -3.93 -16.28 -26.52
CA THR A 419 -3.97 -17.55 -25.78
C THR A 419 -5.35 -17.68 -25.14
N PRO A 420 -6.36 -18.24 -25.86
CA PRO A 420 -7.72 -18.31 -25.33
C PRO A 420 -7.71 -19.10 -24.02
N PRO A 421 -8.65 -18.84 -23.06
CA PRO A 421 -9.72 -17.85 -23.22
C PRO A 421 -9.25 -16.41 -23.24
N LEU A 422 -9.86 -15.61 -24.11
CA LEU A 422 -9.60 -14.18 -24.18
C LEU A 422 -10.55 -13.44 -23.23
N VAL A 423 -10.11 -12.29 -22.79
CA VAL A 423 -10.90 -11.47 -21.90
C VAL A 423 -11.76 -10.55 -22.75
N LYS A 424 -13.06 -10.56 -22.48
CA LYS A 424 -14.03 -9.77 -23.21
C LYS A 424 -14.88 -8.99 -22.22
N LEU A 425 -15.47 -7.92 -22.69
CA LEU A 425 -16.66 -7.42 -22.02
C LEU A 425 -17.85 -8.19 -22.58
N TRP A 426 -18.65 -8.77 -21.71
CA TRP A 426 -19.71 -9.67 -22.15
C TRP A 426 -21.02 -8.94 -22.45
N TYR A 427 -21.09 -7.64 -22.17
CA TYR A 427 -22.21 -6.81 -22.56
C TYR A 427 -21.81 -5.36 -22.38
N GLN A 428 -22.66 -4.49 -22.91
CA GLN A 428 -22.42 -3.07 -22.91
C GLN A 428 -23.76 -2.42 -22.67
N LEU A 429 -23.86 -1.56 -21.68
CA LEU A 429 -25.08 -0.79 -21.47
C LEU A 429 -25.14 0.36 -22.45
N GLU A 430 -26.31 0.60 -23.02
CA GLU A 430 -26.48 1.74 -23.91
C GLU A 430 -26.15 3.05 -23.20
N LYS A 431 -25.67 4.03 -23.98
CA LYS A 431 -25.35 5.33 -23.42
C LYS A 431 -26.51 6.31 -23.48
N GLU A 432 -27.54 5.99 -24.25
CA GLU A 432 -28.72 6.82 -24.47
C GLU A 432 -29.94 5.93 -24.47
N PRO A 433 -31.10 6.43 -24.01
CA PRO A 433 -32.30 5.59 -23.94
C PRO A 433 -32.74 5.13 -25.32
N ILE A 434 -33.29 3.91 -25.37
CA ILE A 434 -33.62 3.24 -26.62
C ILE A 434 -35.03 3.62 -27.06
N VAL A 435 -35.15 4.16 -28.26
CA VAL A 435 -36.44 4.55 -28.81
C VAL A 435 -37.18 3.29 -29.25
N GLY A 436 -38.50 3.29 -29.08
CA GLY A 436 -39.30 2.13 -29.49
C GLY A 436 -39.07 0.91 -28.65
N ALA A 437 -38.49 1.08 -27.47
CA ALA A 437 -38.29 0.00 -26.53
C ALA A 437 -39.09 0.32 -25.27
N GLU A 438 -39.54 -0.73 -24.61
CA GLU A 438 -40.42 -0.56 -23.48
C GLU A 438 -39.64 0.05 -22.32
N THR A 439 -40.24 1.03 -21.63
CA THR A 439 -39.63 1.59 -20.44
C THR A 439 -40.23 0.93 -19.20
N PHE A 440 -39.40 0.21 -18.45
CA PHE A 440 -39.80 -0.32 -17.15
C PHE A 440 -39.37 0.62 -16.04
N TYR A 441 -40.32 1.04 -15.22
CA TYR A 441 -40.03 1.71 -13.97
C TYR A 441 -40.10 0.65 -12.88
N VAL A 442 -38.95 0.18 -12.43
CA VAL A 442 -38.90 -0.87 -11.43
C VAL A 442 -38.77 -0.25 -10.05
N ASP A 443 -38.96 -1.05 -9.00
CA ASP A 443 -38.74 -0.61 -7.64
C ASP A 443 -38.86 -1.81 -6.74
N GLY A 444 -38.03 -1.84 -5.70
CA GLY A 444 -38.11 -2.88 -4.69
C GLY A 444 -38.11 -2.23 -3.32
N ALA A 445 -38.68 -2.94 -2.36
CA ALA A 445 -38.79 -2.44 -0.99
C ALA A 445 -38.88 -3.62 -0.05
N ALA A 446 -38.61 -3.36 1.23
CA ALA A 446 -38.66 -4.40 2.25
C ALA A 446 -38.99 -3.78 3.59
N ASN A 447 -40.11 -4.23 4.17
CA ASN A 447 -40.44 -3.90 5.56
C ASN A 447 -39.41 -4.53 6.49
N ARG A 448 -38.67 -3.71 7.24
CA ARG A 448 -37.42 -4.16 7.84
C ARG A 448 -37.58 -4.87 9.18
N GLU A 449 -38.79 -5.04 9.70
CA GLU A 449 -39.01 -5.92 10.84
C GLU A 449 -39.52 -7.29 10.38
N THR A 450 -40.53 -7.29 9.52
CA THR A 450 -41.09 -8.51 8.98
C THR A 450 -40.09 -9.23 8.07
N LYS A 451 -39.16 -8.47 7.47
CA LYS A 451 -38.21 -8.97 6.46
C LYS A 451 -38.93 -9.48 5.23
N LEU A 452 -40.12 -8.96 4.95
CA LEU A 452 -40.81 -9.27 3.72
C LEU A 452 -40.64 -8.11 2.75
N GLY A 453 -40.56 -8.44 1.46
CA GLY A 453 -40.42 -7.43 0.44
C GLY A 453 -41.29 -7.72 -0.76
N LYS A 454 -41.56 -6.66 -1.50
CA LYS A 454 -42.25 -6.71 -2.77
C LYS A 454 -41.34 -6.09 -3.82
N ALA A 455 -41.04 -6.84 -4.87
CA ALA A 455 -40.35 -6.31 -6.04
C ALA A 455 -41.36 -6.16 -7.17
N GLY A 456 -41.30 -5.03 -7.88
CA GLY A 456 -42.33 -4.76 -8.86
C GLY A 456 -41.84 -3.83 -9.96
N TYR A 457 -42.67 -3.72 -11.00
CA TYR A 457 -42.41 -2.76 -12.05
C TYR A 457 -43.73 -2.30 -12.64
N VAL A 458 -43.70 -1.11 -13.24
CA VAL A 458 -44.77 -0.65 -14.11
C VAL A 458 -44.12 -0.18 -15.40
N THR A 459 -44.92 -0.11 -16.45
CA THR A 459 -44.42 0.07 -17.80
C THR A 459 -45.10 1.26 -18.44
N ASN A 460 -44.43 1.88 -19.42
CA ASN A 460 -45.05 2.93 -20.21
C ASN A 460 -46.11 2.38 -21.15
N ARG A 461 -46.02 1.08 -21.48
CA ARG A 461 -47.00 0.31 -22.23
C ARG A 461 -48.10 -0.27 -21.34
N GLY A 462 -48.15 0.13 -20.07
CA GLY A 462 -49.22 -0.23 -19.17
C GLY A 462 -49.07 -1.51 -18.36
N ARG A 463 -48.05 -2.33 -18.63
CA ARG A 463 -47.86 -3.56 -17.85
C ARG A 463 -47.47 -3.27 -16.40
N GLN A 464 -47.84 -4.19 -15.52
CA GLN A 464 -47.53 -4.11 -14.09
C GLN A 464 -47.25 -5.50 -13.60
N LYS A 465 -46.67 -5.57 -12.40
CA LYS A 465 -46.28 -6.84 -11.79
C LYS A 465 -45.75 -6.54 -10.39
N VAL A 466 -46.05 -7.41 -9.44
CA VAL A 466 -45.55 -7.26 -8.07
C VAL A 466 -45.39 -8.69 -7.58
N VAL A 467 -44.16 -9.15 -7.49
CA VAL A 467 -43.90 -10.42 -6.86
C VAL A 467 -43.53 -10.10 -5.42
N THR A 468 -43.68 -11.08 -4.54
CA THR A 468 -43.38 -10.86 -3.14
C THR A 468 -42.24 -11.79 -2.75
N LEU A 469 -41.35 -11.29 -1.90
CA LEU A 469 -40.17 -12.01 -1.47
C LEU A 469 -40.17 -12.09 0.05
N THR A 470 -39.75 -13.24 0.56
CA THR A 470 -39.46 -13.42 1.97
C THR A 470 -37.94 -13.42 2.15
N ASP A 471 -37.49 -13.31 3.40
CA ASP A 471 -36.07 -13.46 3.70
C ASP A 471 -35.22 -12.42 2.99
N THR A 472 -35.70 -11.18 2.86
CA THR A 472 -34.91 -10.25 2.06
C THR A 472 -34.72 -8.90 2.75
N THR A 473 -34.01 -8.04 2.01
CA THR A 473 -33.55 -6.74 2.41
C THR A 473 -33.94 -5.75 1.33
N ASN A 474 -33.80 -4.45 1.63
CA ASN A 474 -33.93 -3.47 0.56
C ASN A 474 -32.97 -3.76 -0.58
N GLN A 475 -31.74 -4.16 -0.27
CA GLN A 475 -30.77 -4.37 -1.34
C GLN A 475 -31.22 -5.50 -2.26
N LYS A 476 -31.63 -6.63 -1.69
CA LYS A 476 -31.95 -7.76 -2.56
C LYS A 476 -33.22 -7.50 -3.37
N THR A 477 -34.24 -6.85 -2.79
CA THR A 477 -35.45 -6.61 -3.56
C THR A 477 -35.20 -5.67 -4.74
N GLU A 478 -34.35 -4.66 -4.57
CA GLU A 478 -34.09 -3.72 -5.66
C GLU A 478 -33.40 -4.39 -6.82
N LEU A 479 -32.67 -5.47 -6.57
CA LEU A 479 -32.10 -6.27 -7.65
C LEU A 479 -33.11 -7.25 -8.24
N GLN A 480 -34.03 -7.73 -7.40
CA GLN A 480 -35.12 -8.54 -7.92
C GLN A 480 -35.98 -7.75 -8.89
N ALA A 481 -36.28 -6.50 -8.55
CA ALA A 481 -37.10 -5.69 -9.44
C ALA A 481 -36.42 -5.47 -10.78
N ILE A 482 -35.09 -5.45 -10.82
CA ILE A 482 -34.40 -5.32 -12.09
C ILE A 482 -34.40 -6.64 -12.82
N TYR A 483 -34.18 -7.73 -12.08
CA TYR A 483 -34.29 -9.07 -12.64
C TYR A 483 -35.65 -9.27 -13.30
N LEU A 484 -36.72 -8.88 -12.62
CA LEU A 484 -38.05 -9.01 -13.21
C LEU A 484 -38.13 -8.27 -14.54
N ALA A 485 -37.81 -6.98 -14.52
CA ALA A 485 -37.91 -6.21 -15.76
C ALA A 485 -37.13 -6.86 -16.89
N LEU A 486 -36.04 -7.56 -16.59
CA LEU A 486 -35.28 -8.19 -17.66
C LEU A 486 -35.92 -9.48 -18.13
N GLN A 487 -36.54 -10.23 -17.22
CA GLN A 487 -37.26 -11.44 -17.61
C GLN A 487 -38.41 -11.13 -18.57
N ASP A 488 -39.24 -10.17 -18.21
CA ASP A 488 -40.47 -9.87 -18.90
C ASP A 488 -40.30 -8.98 -20.12
N SER A 489 -39.09 -8.63 -20.54
CA SER A 489 -38.95 -7.66 -21.60
C SER A 489 -38.32 -8.30 -22.84
N GLY A 490 -38.37 -7.59 -23.95
CA GLY A 490 -37.81 -8.07 -25.18
C GLY A 490 -36.35 -7.75 -25.26
N LEU A 491 -35.79 -7.99 -26.45
CA LEU A 491 -34.34 -7.86 -26.63
C LEU A 491 -33.84 -6.47 -26.29
N GLU A 492 -34.68 -5.45 -26.42
CA GLU A 492 -34.34 -4.08 -26.07
C GLU A 492 -35.27 -3.60 -24.98
N VAL A 493 -34.78 -2.72 -24.10
CA VAL A 493 -35.50 -2.36 -22.88
C VAL A 493 -34.80 -1.23 -22.15
N ASN A 494 -35.58 -0.29 -21.64
CA ASN A 494 -35.10 0.77 -20.78
C ASN A 494 -35.60 0.49 -19.38
N ILE A 495 -34.73 0.69 -18.38
CA ILE A 495 -35.07 0.38 -17.01
C ILE A 495 -34.72 1.59 -16.16
N VAL A 496 -35.61 1.93 -15.24
CA VAL A 496 -35.51 3.12 -14.41
C VAL A 496 -35.65 2.64 -12.98
N THR A 497 -34.55 2.66 -12.23
CA THR A 497 -34.58 2.29 -10.82
C THR A 497 -34.24 3.50 -9.98
N ASP A 498 -34.60 3.43 -8.69
CA ASP A 498 -34.16 4.44 -7.73
C ASP A 498 -33.10 3.89 -6.79
N SER A 499 -32.57 2.71 -7.10
CA SER A 499 -31.53 2.06 -6.30
C SER A 499 -30.16 2.43 -6.85
N GLN A 500 -29.44 3.32 -6.15
CA GLN A 500 -28.05 3.54 -6.54
C GLN A 500 -27.22 2.29 -6.32
N TYR A 501 -27.58 1.49 -5.31
CA TYR A 501 -26.95 0.20 -5.11
C TYR A 501 -26.96 -0.62 -6.39
N ALA A 502 -28.16 -0.85 -6.93
CA ALA A 502 -28.27 -1.69 -8.11
C ALA A 502 -27.59 -1.06 -9.31
N LEU A 503 -27.68 0.27 -9.42
CA LEU A 503 -27.07 0.96 -10.53
C LEU A 503 -25.54 0.85 -10.47
N GLY A 504 -24.98 1.01 -9.27
CA GLY A 504 -23.53 0.87 -9.14
C GLY A 504 -23.05 -0.49 -9.56
N ILE A 505 -23.67 -1.55 -9.02
CA ILE A 505 -23.27 -2.90 -9.37
C ILE A 505 -23.34 -3.08 -10.88
N ILE A 506 -24.48 -2.72 -11.47
CA ILE A 506 -24.69 -3.10 -12.86
C ILE A 506 -23.92 -2.21 -13.82
N GLN A 507 -23.68 -0.94 -13.46
CA GLN A 507 -22.92 -0.10 -14.37
C GLN A 507 -21.44 -0.46 -14.41
N ALA A 508 -20.93 -1.25 -13.46
CA ALA A 508 -19.60 -1.84 -13.41
C ALA A 508 -19.41 -3.00 -14.43
N GLN A 509 -20.41 -3.32 -15.25
CA GLN A 509 -20.41 -4.48 -16.14
C GLN A 509 -19.89 -5.76 -15.45
N PRO A 510 -20.52 -6.18 -14.35
CA PRO A 510 -20.08 -7.42 -13.71
C PRO A 510 -20.15 -8.58 -14.68
N ASP A 511 -19.22 -9.49 -14.45
CA ASP A 511 -18.93 -10.72 -15.16
C ASP A 511 -19.37 -11.91 -14.35
N GLN A 512 -19.25 -11.76 -13.03
CA GLN A 512 -19.42 -12.84 -12.08
C GLN A 512 -19.68 -12.21 -10.73
N SER A 513 -20.33 -12.96 -9.85
CA SER A 513 -20.66 -12.45 -8.53
C SER A 513 -20.88 -13.61 -7.58
N GLU A 514 -20.77 -13.31 -6.28
CA GLU A 514 -21.16 -14.26 -5.24
C GLU A 514 -22.67 -14.34 -5.10
N SER A 515 -23.38 -13.25 -5.43
CA SER A 515 -24.84 -13.24 -5.48
C SER A 515 -25.30 -13.98 -6.73
N GLU A 516 -25.98 -15.13 -6.57
CA GLU A 516 -26.55 -15.76 -7.76
C GLU A 516 -27.73 -14.95 -8.32
N LEU A 517 -28.35 -14.10 -7.50
CA LEU A 517 -29.25 -13.10 -8.04
C LEU A 517 -28.54 -12.27 -9.11
N VAL A 518 -27.46 -11.59 -8.71
CA VAL A 518 -26.67 -10.79 -9.64
C VAL A 518 -26.21 -11.62 -10.82
N ASN A 519 -25.93 -12.90 -10.58
CA ASN A 519 -25.51 -13.76 -11.68
C ASN A 519 -26.66 -14.02 -12.65
N GLN A 520 -27.88 -14.13 -12.13
CA GLN A 520 -29.05 -14.25 -13.01
C GLN A 520 -29.24 -12.98 -13.82
N ILE A 521 -29.15 -11.82 -13.17
CA ILE A 521 -29.26 -10.56 -13.90
C ILE A 521 -28.21 -10.47 -14.99
N ILE A 522 -27.03 -11.04 -14.75
CA ILE A 522 -25.96 -10.97 -15.74
C ILE A 522 -26.32 -11.82 -16.94
N GLU A 523 -26.80 -13.05 -16.70
CA GLU A 523 -27.17 -13.91 -17.81
C GLU A 523 -28.28 -13.28 -18.64
N GLN A 524 -29.18 -12.53 -18.00
CA GLN A 524 -30.17 -11.76 -18.75
C GLN A 524 -29.49 -10.71 -19.62
N LEU A 525 -28.62 -9.88 -19.03
CA LEU A 525 -28.03 -8.74 -19.74
C LEU A 525 -27.19 -9.20 -20.93
N ILE A 526 -26.65 -10.40 -20.88
CA ILE A 526 -25.86 -10.94 -21.99
C ILE A 526 -26.76 -11.34 -23.14
N LYS A 527 -27.93 -11.92 -22.82
CA LYS A 527 -28.88 -12.34 -23.84
C LYS A 527 -29.54 -11.16 -24.56
N LYS A 528 -29.65 -10.01 -23.88
CA LYS A 528 -30.29 -8.84 -24.47
C LYS A 528 -29.41 -8.27 -25.57
N GLU A 529 -29.99 -7.33 -26.31
CA GLU A 529 -29.28 -6.63 -27.37
C GLU A 529 -29.04 -5.18 -27.06
N LYS A 530 -29.97 -4.54 -26.39
CA LYS A 530 -29.78 -3.19 -25.88
C LYS A 530 -30.47 -3.10 -24.53
N VAL A 531 -29.82 -2.45 -23.57
CA VAL A 531 -30.39 -2.21 -22.25
C VAL A 531 -29.91 -0.83 -21.84
N TYR A 532 -30.85 0.08 -21.58
CA TYR A 532 -30.51 1.37 -20.99
C TYR A 532 -30.91 1.34 -19.53
N LEU A 533 -30.03 1.78 -18.67
CA LEU A 533 -30.26 1.76 -17.23
C LEU A 533 -30.14 3.19 -16.75
N ALA A 534 -31.18 3.66 -16.06
CA ALA A 534 -31.27 5.04 -15.60
C ALA A 534 -31.69 5.05 -14.15
N TRP A 535 -31.30 6.09 -13.44
CA TRP A 535 -31.60 6.25 -12.03
C TRP A 535 -32.37 7.55 -11.82
N VAL A 536 -33.38 7.48 -10.98
CA VAL A 536 -34.06 8.69 -10.49
C VAL A 536 -34.07 8.62 -8.97
N PRO A 537 -34.17 9.76 -8.30
CA PRO A 537 -34.33 9.73 -6.84
C PRO A 537 -35.74 9.30 -6.45
N ALA A 538 -35.81 8.50 -5.40
CA ALA A 538 -37.12 8.06 -4.97
C ALA A 538 -37.77 9.15 -4.11
N HIS A 539 -39.10 9.06 -4.01
CA HIS A 539 -39.98 9.90 -3.19
C HIS A 539 -39.98 11.35 -3.62
N LYS A 540 -39.38 11.62 -4.79
CA LYS A 540 -39.38 13.00 -5.33
C LYS A 540 -40.57 13.15 -6.26
N GLY A 541 -41.34 12.07 -6.43
CA GLY A 541 -42.52 12.10 -7.32
C GLY A 541 -42.10 12.16 -8.78
N ILE A 542 -41.24 11.24 -9.21
CA ILE A 542 -40.81 11.21 -10.64
C ILE A 542 -41.70 10.24 -11.41
N GLY A 543 -42.89 10.69 -11.81
CA GLY A 543 -43.80 9.88 -12.62
C GLY A 543 -43.85 8.39 -12.30
N GLY A 544 -43.45 7.53 -13.25
CA GLY A 544 -43.54 6.08 -13.05
C GLY A 544 -43.01 5.66 -11.69
N ASN A 545 -41.95 6.33 -11.23
CA ASN A 545 -41.34 5.98 -9.93
C ASN A 545 -42.42 5.96 -8.84
N GLU A 546 -43.27 6.99 -8.77
CA GLU A 546 -44.22 7.03 -7.67
C GLU A 546 -45.27 5.93 -7.77
N GLN A 547 -45.54 5.43 -8.98
CA GLN A 547 -46.62 4.45 -9.15
C GLN A 547 -46.18 3.02 -8.84
N VAL A 548 -44.93 2.66 -9.16
CA VAL A 548 -44.40 1.37 -8.72
C VAL A 548 -43.98 1.46 -7.26
N ASP A 549 -43.68 2.67 -6.78
CA ASP A 549 -43.56 2.90 -5.34
C ASP A 549 -44.89 2.63 -4.64
N LYS A 550 -46.01 3.07 -5.24
CA LYS A 550 -47.34 2.75 -4.73
C LYS A 550 -47.55 1.24 -4.67
N LEU A 551 -47.45 0.57 -5.82
CA LEU A 551 -47.63 -0.87 -5.90
C LEU A 551 -46.74 -1.63 -4.93
N VAL A 552 -45.76 -0.96 -4.34
CA VAL A 552 -44.90 -1.57 -3.34
C VAL A 552 -44.92 -0.77 -2.02
N GLU B 6 23.62 24.61 19.02
CA GLU B 6 22.64 24.36 20.08
C GLU B 6 21.30 23.94 19.50
N THR B 7 20.80 22.76 19.90
CA THR B 7 19.58 22.21 19.28
C THR B 7 18.31 22.44 20.11
N VAL B 8 17.16 22.47 19.44
CA VAL B 8 15.86 22.62 20.14
C VAL B 8 15.35 21.22 20.47
N PRO B 9 15.20 20.84 21.76
CA PRO B 9 14.66 19.53 22.11
C PRO B 9 13.29 19.28 21.47
N VAL B 10 13.16 18.18 20.72
CA VAL B 10 11.84 17.84 20.11
C VAL B 10 11.28 16.59 20.79
N LYS B 11 10.06 16.66 21.30
CA LYS B 11 9.45 15.53 21.99
C LYS B 11 8.19 15.11 21.25
N LEU B 12 7.96 13.80 21.20
CA LEU B 12 6.75 13.26 20.63
C LEU B 12 5.56 13.55 21.55
N LYS B 13 4.35 13.36 21.00
CA LYS B 13 3.15 13.47 21.82
C LYS B 13 3.24 12.49 22.99
N PRO B 14 2.56 12.77 24.09
CA PRO B 14 2.73 11.92 25.29
C PRO B 14 2.28 10.49 25.04
N GLY B 15 3.14 9.55 25.44
CA GLY B 15 2.83 8.14 25.29
C GLY B 15 2.58 7.69 23.87
N MET B 16 3.35 8.22 22.89
CA MET B 16 3.35 7.76 21.51
C MET B 16 4.75 7.37 21.09
N ASP B 17 4.87 6.29 20.34
CA ASP B 17 6.19 5.84 19.94
C ASP B 17 6.50 6.36 18.53
N GLY B 18 7.70 6.15 18.11
CA GLY B 18 8.12 6.63 16.84
C GLY B 18 7.51 5.81 15.74
N PRO B 19 7.79 6.23 14.51
CA PRO B 19 7.23 5.54 13.35
C PRO B 19 7.95 4.22 13.07
N LYS B 20 7.14 3.19 12.76
CA LYS B 20 7.65 1.88 12.35
C LYS B 20 6.97 1.50 11.04
N VAL B 21 7.27 2.27 10.02
CA VAL B 21 6.58 2.17 8.74
C VAL B 21 7.49 1.40 7.80
N LYS B 22 7.00 0.29 7.27
CA LYS B 22 7.81 -0.50 6.36
C LYS B 22 8.11 0.29 5.09
N GLN B 23 9.29 0.04 4.53
CA GLN B 23 9.73 0.65 3.29
C GLN B 23 9.05 -0.03 2.11
N TRP B 24 8.49 0.75 1.20
CA TRP B 24 7.88 0.19 0.00
C TRP B 24 9.00 -0.36 -0.88
N PRO B 25 8.71 -1.32 -1.76
CA PRO B 25 9.75 -1.78 -2.68
C PRO B 25 10.05 -0.74 -3.75
N LEU B 26 11.33 -0.60 -4.07
CA LEU B 26 11.83 0.39 -5.03
C LEU B 26 12.54 -0.34 -6.17
N THR B 27 12.60 0.31 -7.32
CA THR B 27 13.26 -0.23 -8.49
C THR B 27 14.77 0.01 -8.44
N GLU B 28 15.48 -0.76 -9.28
CA GLU B 28 16.94 -0.67 -9.32
C GLU B 28 17.40 0.76 -9.50
N GLU B 29 16.84 1.47 -10.50
CA GLU B 29 17.36 2.80 -10.78
C GLU B 29 17.17 3.74 -9.59
N LYS B 30 16.10 3.56 -8.81
CA LYS B 30 15.86 4.44 -7.66
C LYS B 30 16.69 4.06 -6.45
N ILE B 31 16.95 2.77 -6.26
CA ILE B 31 17.87 2.36 -5.22
C ILE B 31 19.28 2.88 -5.52
N LYS B 32 19.70 2.82 -6.78
CA LYS B 32 21.00 3.38 -7.11
C LYS B 32 21.02 4.87 -6.86
N ALA B 33 19.97 5.58 -7.28
CA ALA B 33 19.93 7.01 -7.02
C ALA B 33 20.08 7.31 -5.54
N LEU B 34 19.32 6.61 -4.68
CA LEU B 34 19.39 6.90 -3.25
C LEU B 34 20.74 6.56 -2.67
N VAL B 35 21.42 5.53 -3.19
CA VAL B 35 22.70 5.14 -2.62
C VAL B 35 23.76 6.19 -2.92
N GLU B 36 23.72 6.81 -4.09
CA GLU B 36 24.62 7.92 -4.35
C GLU B 36 24.30 9.09 -3.43
N ILE B 37 23.03 9.51 -3.43
CA ILE B 37 22.59 10.62 -2.61
C ILE B 37 22.98 10.42 -1.16
N CYS B 38 22.85 9.20 -0.65
CA CYS B 38 23.00 8.98 0.78
C CYS B 38 24.44 8.79 1.20
N THR B 39 25.32 8.31 0.31
CA THR B 39 26.72 8.33 0.67
C THR B 39 27.26 9.77 0.64
N GLU B 40 26.71 10.61 -0.23
CA GLU B 40 27.11 12.00 -0.28
C GLU B 40 26.66 12.74 0.97
N MET B 41 25.43 12.49 1.43
CA MET B 41 24.94 13.14 2.65
C MET B 41 25.68 12.61 3.87
N GLU B 42 26.19 11.40 3.78
CA GLU B 42 26.89 10.85 4.93
C GLU B 42 28.28 11.47 5.07
N LYS B 43 29.01 11.59 3.96
CA LYS B 43 30.26 12.35 3.95
C LYS B 43 30.05 13.73 4.57
N GLU B 44 29.13 14.50 4.01
CA GLU B 44 28.83 15.82 4.54
C GLU B 44 28.28 15.75 5.97
N GLY B 45 28.10 14.56 6.53
CA GLY B 45 27.68 14.46 7.91
C GLY B 45 26.21 14.69 8.22
N LYS B 46 25.34 14.87 7.21
CA LYS B 46 23.92 15.15 7.46
C LYS B 46 23.13 13.93 7.95
N ILE B 47 23.60 12.70 7.63
CA ILE B 47 23.01 11.47 8.14
C ILE B 47 24.15 10.56 8.61
N SER B 48 23.81 9.55 9.41
CA SER B 48 24.81 8.59 9.90
C SER B 48 24.20 7.20 10.00
N LYS B 49 24.96 6.18 9.57
CA LYS B 49 24.50 4.81 9.68
C LYS B 49 24.10 4.51 11.11
N ILE B 50 23.13 3.61 11.28
CA ILE B 50 22.63 3.26 12.58
C ILE B 50 22.56 1.75 12.68
N GLY B 51 22.39 1.28 13.89
CA GLY B 51 22.45 -0.13 14.15
C GLY B 51 21.10 -0.70 14.48
N PRO B 52 21.08 -1.99 14.79
CA PRO B 52 19.80 -2.65 15.02
C PRO B 52 19.11 -2.18 16.26
N GLU B 53 19.79 -1.42 17.12
CA GLU B 53 19.14 -0.85 18.31
C GLU B 53 18.13 0.23 17.96
N ASN B 54 18.09 0.68 16.71
CA ASN B 54 17.08 1.61 16.26
C ASN B 54 15.96 0.83 15.61
N PRO B 55 14.81 0.70 16.25
CA PRO B 55 13.69 -0.03 15.65
C PRO B 55 12.77 0.82 14.78
N TYR B 56 13.11 2.07 14.53
CA TYR B 56 12.19 2.99 13.90
C TYR B 56 12.43 3.02 12.40
N ASN B 57 11.38 3.35 11.65
CA ASN B 57 11.57 3.45 10.22
C ASN B 57 10.49 4.34 9.62
N THR B 58 10.90 5.18 8.68
CA THR B 58 9.99 5.89 7.80
C THR B 58 10.45 5.65 6.37
N PRO B 59 9.53 5.55 5.42
CA PRO B 59 9.90 5.14 4.06
C PRO B 59 10.48 6.29 3.26
N VAL B 60 11.21 5.91 2.23
CA VAL B 60 12.00 6.86 1.45
C VAL B 60 11.84 6.51 -0.02
N PHE B 61 11.93 7.53 -0.87
CA PHE B 61 11.75 7.36 -2.31
C PHE B 61 12.64 8.35 -3.02
N ALA B 62 12.82 8.13 -4.32
CA ALA B 62 13.45 9.09 -5.22
C ALA B 62 12.42 9.65 -6.19
N ILE B 63 12.45 10.96 -6.37
CA ILE B 63 11.67 11.58 -7.43
C ILE B 63 12.62 12.29 -8.38
N LYS B 64 12.08 12.98 -9.39
CA LYS B 64 12.91 13.75 -10.32
C LYS B 64 12.44 15.20 -10.42
N LYS B 65 11.66 15.68 -9.45
CA LYS B 65 10.98 16.96 -9.57
C LYS B 65 10.20 17.02 -10.90
N SER B 68 13.79 19.14 -14.42
CA SER B 68 15.11 18.79 -13.88
C SER B 68 15.52 17.34 -14.22
N THR B 69 16.83 17.11 -14.31
CA THR B 69 17.40 15.83 -14.75
C THR B 69 18.18 15.10 -13.64
N LYS B 70 17.97 15.49 -12.38
CA LYS B 70 18.70 14.95 -11.25
C LYS B 70 17.75 14.33 -10.23
N TRP B 71 18.03 13.09 -9.84
CA TRP B 71 17.23 12.44 -8.80
C TRP B 71 17.33 13.20 -7.49
N ARG B 72 16.19 13.38 -6.84
CA ARG B 72 16.10 13.95 -5.51
C ARG B 72 15.59 12.89 -4.56
N LYS B 73 15.90 13.06 -3.27
CA LYS B 73 15.49 12.12 -2.23
C LYS B 73 14.25 12.64 -1.53
N LEU B 74 13.26 11.78 -1.32
CA LEU B 74 12.00 12.17 -0.72
C LEU B 74 11.69 11.23 0.43
N VAL B 75 11.54 11.76 1.64
CA VAL B 75 11.26 10.94 2.80
C VAL B 75 9.81 11.15 3.20
N ASP B 76 9.05 10.06 3.25
CA ASP B 76 7.68 10.12 3.71
C ASP B 76 7.66 10.21 5.24
N PHE B 77 7.56 11.42 5.79
CA PHE B 77 7.45 11.65 7.21
C PHE B 77 6.02 11.83 7.68
N ARG B 78 5.04 11.38 6.89
CA ARG B 78 3.64 11.54 7.28
C ARG B 78 3.40 10.99 8.67
N GLU B 79 3.90 9.79 8.93
CA GLU B 79 3.70 9.15 10.22
C GLU B 79 4.43 9.92 11.33
N LEU B 80 5.70 10.25 11.12
CA LEU B 80 6.41 11.07 12.10
C LEU B 80 5.72 12.42 12.33
N ASN B 81 5.20 13.04 11.28
CA ASN B 81 4.56 14.33 11.47
C ASN B 81 3.31 14.20 12.32
N LYS B 82 2.56 13.09 12.17
CA LYS B 82 1.38 12.89 13.00
C LYS B 82 1.73 12.77 14.48
N ARG B 83 2.93 12.29 14.77
CA ARG B 83 3.34 11.95 16.12
C ARG B 83 4.13 13.05 16.80
N THR B 84 4.54 14.09 16.07
CA THR B 84 5.13 15.28 16.64
C THR B 84 4.18 16.47 16.57
N GLN B 85 2.91 16.23 16.22
CA GLN B 85 1.99 17.29 15.78
C GLN B 85 1.70 18.34 16.86
N ASP B 86 1.85 17.98 18.14
CA ASP B 86 1.83 19.02 19.17
C ASP B 86 2.95 20.02 18.94
N PHE B 87 4.15 19.52 18.66
CA PHE B 87 5.31 20.39 18.55
C PHE B 87 5.19 21.38 17.38
N TRP B 88 4.99 20.87 16.16
CA TRP B 88 5.06 21.73 14.98
C TRP B 88 3.80 22.57 14.73
N GLU B 89 2.76 22.47 15.57
CA GLU B 89 1.52 23.17 15.27
C GLU B 89 1.09 24.16 16.35
N VAL B 90 1.09 23.77 17.63
CA VAL B 90 0.65 24.64 18.71
C VAL B 90 1.82 25.31 19.42
N GLN B 91 2.91 24.57 19.65
CA GLN B 91 4.04 25.11 20.39
C GLN B 91 4.90 26.03 19.54
N LEU B 92 4.93 25.81 18.23
CA LEU B 92 5.81 26.58 17.35
C LEU B 92 5.23 26.69 15.95
N GLY B 93 3.92 26.93 15.86
CA GLY B 93 3.28 26.97 14.56
C GLY B 93 3.66 28.19 13.76
N ILE B 94 3.65 28.03 12.44
CA ILE B 94 3.81 29.14 11.50
C ILE B 94 2.42 29.63 11.14
N PRO B 95 2.08 30.89 11.42
CA PRO B 95 0.74 31.39 11.08
C PRO B 95 0.55 31.47 9.57
N HIS B 96 -0.68 31.19 9.12
CA HIS B 96 -0.99 31.24 7.69
C HIS B 96 -1.65 32.56 7.32
N PRO B 97 -1.09 33.35 6.38
CA PRO B 97 -1.68 34.66 6.05
C PRO B 97 -2.86 34.55 5.10
N ALA B 98 -3.96 35.20 5.46
CA ALA B 98 -5.16 35.20 4.64
C ALA B 98 -5.01 35.96 3.35
N GLY B 99 -3.94 36.73 3.18
CA GLY B 99 -3.78 37.58 2.03
C GLY B 99 -3.18 36.88 0.83
N LEU B 100 -2.47 35.78 1.10
CA LEU B 100 -1.77 35.07 0.04
C LEU B 100 -2.73 34.64 -1.07
N LYS B 101 -3.89 34.10 -0.71
CA LYS B 101 -4.87 33.70 -1.75
C LYS B 101 -5.38 34.87 -2.58
N LYS B 102 -5.27 36.10 -2.10
CA LYS B 102 -5.75 37.25 -2.86
C LYS B 102 -4.75 37.75 -3.90
N LYS B 103 -3.45 37.69 -3.59
CA LYS B 103 -2.39 38.20 -4.46
C LYS B 103 -2.49 37.68 -5.89
N LYS B 104 -2.09 38.53 -6.84
CA LYS B 104 -2.25 38.22 -8.26
C LYS B 104 -1.29 37.13 -8.70
N SER B 105 -0.06 37.15 -8.20
CA SER B 105 0.91 36.13 -8.52
C SER B 105 1.51 35.56 -7.25
N VAL B 106 1.78 34.25 -7.27
CA VAL B 106 2.40 33.55 -6.15
C VAL B 106 3.48 32.64 -6.70
N THR B 107 4.72 32.85 -6.28
CA THR B 107 5.80 31.96 -6.70
C THR B 107 6.15 31.03 -5.55
N VAL B 108 6.39 29.77 -5.89
CA VAL B 108 6.79 28.77 -4.90
C VAL B 108 8.27 28.52 -5.06
N LEU B 109 9.03 28.63 -3.96
CA LEU B 109 10.46 28.37 -3.99
C LEU B 109 10.79 27.27 -2.99
N ASP B 110 11.68 26.37 -3.41
CA ASP B 110 12.23 25.33 -2.53
C ASP B 110 13.29 25.95 -1.63
N VAL B 111 13.11 25.88 -0.32
CA VAL B 111 14.17 26.29 0.60
C VAL B 111 14.55 25.14 1.51
N GLY B 112 14.29 23.91 1.06
CA GLY B 112 14.60 22.75 1.88
C GLY B 112 16.06 22.70 2.31
N ASP B 113 16.97 23.07 1.40
CA ASP B 113 18.41 22.98 1.70
C ASP B 113 18.80 23.79 2.93
N ALA B 114 17.98 24.73 3.38
CA ALA B 114 18.29 25.46 4.60
C ALA B 114 18.37 24.55 5.80
N TYR B 115 17.55 23.50 5.84
CA TYR B 115 17.45 22.70 7.06
C TYR B 115 18.72 21.91 7.37
N PHE B 116 19.63 21.78 6.40
CA PHE B 116 20.87 21.04 6.64
C PHE B 116 21.88 21.83 7.46
N SER B 117 21.67 23.14 7.59
CA SER B 117 22.56 23.94 8.44
C SER B 117 22.36 23.61 9.90
N VAL B 118 21.18 23.12 10.27
CA VAL B 118 20.72 23.14 11.66
C VAL B 118 20.84 21.75 12.24
N PRO B 119 21.54 21.57 13.39
CA PRO B 119 21.62 20.26 14.03
C PRO B 119 20.28 19.85 14.65
N LEU B 120 19.94 18.56 14.52
CA LEU B 120 18.72 18.01 15.08
C LEU B 120 18.99 17.47 16.48
N ASP B 121 18.10 17.81 17.41
CA ASP B 121 18.17 17.32 18.79
C ASP B 121 18.67 15.89 18.85
N GLU B 122 19.80 15.69 19.54
CA GLU B 122 20.50 14.41 19.53
C GLU B 122 19.60 13.28 20.02
N ASP B 123 18.71 13.57 20.97
CA ASP B 123 17.77 12.58 21.49
C ASP B 123 16.52 12.41 20.61
N PHE B 124 16.47 13.05 19.44
CA PHE B 124 15.37 12.88 18.53
C PHE B 124 15.76 12.19 17.23
N ARG B 125 17.06 12.17 16.93
CA ARG B 125 17.56 11.63 15.63
C ARG B 125 17.12 10.18 15.37
N LYS B 126 16.75 9.44 16.40
CA LYS B 126 16.44 8.01 16.22
C LYS B 126 15.12 7.83 15.49
N TYR B 127 14.24 8.81 15.57
CA TYR B 127 12.90 8.68 14.97
C TYR B 127 12.95 9.07 13.51
N THR B 128 14.13 9.46 13.04
CA THR B 128 14.29 9.95 11.65
C THR B 128 14.98 8.85 10.85
N ALA B 129 14.83 7.62 11.29
CA ALA B 129 15.52 6.49 10.66
C ALA B 129 14.85 6.03 9.39
N PHE B 130 15.66 5.71 8.40
CA PHE B 130 15.13 5.18 7.17
C PHE B 130 16.07 4.12 6.62
N THR B 131 15.55 3.32 5.69
CA THR B 131 16.23 2.20 5.09
C THR B 131 16.23 2.36 3.58
N ILE B 132 17.39 2.25 2.96
CA ILE B 132 17.47 1.98 1.53
C ILE B 132 17.44 0.46 1.37
N PRO B 133 16.46 -0.08 0.68
CA PRO B 133 16.36 -1.53 0.62
C PRO B 133 17.14 -2.11 -0.54
N SER B 134 17.05 -3.41 -0.65
CA SER B 134 17.87 -4.20 -1.52
C SER B 134 16.95 -4.90 -2.52
N ILE B 135 17.38 -4.98 -3.77
CA ILE B 135 16.63 -5.78 -4.73
C ILE B 135 16.65 -7.23 -4.28
N ASN B 136 15.51 -7.89 -4.38
CA ASN B 136 15.34 -9.29 -3.98
C ASN B 136 15.84 -9.54 -2.55
N ASN B 137 15.91 -8.50 -1.72
CA ASN B 137 16.39 -8.64 -0.33
C ASN B 137 17.71 -9.39 -0.22
N GLU B 138 18.55 -9.30 -1.26
CA GLU B 138 19.80 -10.08 -1.28
C GLU B 138 20.78 -9.57 -0.25
N THR B 139 20.88 -8.27 -0.08
CA THR B 139 21.72 -7.66 0.93
C THR B 139 20.84 -7.06 2.05
N PRO B 140 21.39 -6.84 3.23
CA PRO B 140 20.63 -6.13 4.25
C PRO B 140 20.39 -4.70 3.82
N GLY B 141 19.33 -4.11 4.37
CA GLY B 141 19.07 -2.72 4.09
C GLY B 141 20.16 -1.83 4.67
N ILE B 142 20.54 -0.81 3.90
CA ILE B 142 21.35 0.30 4.40
C ILE B 142 20.45 1.21 5.24
N ARG B 143 20.79 1.36 6.51
CA ARG B 143 19.99 2.13 7.45
C ARG B 143 20.71 3.40 7.87
N TYR B 144 19.94 4.47 8.06
CA TYR B 144 20.48 5.79 8.34
C TYR B 144 19.56 6.51 9.32
N GLN B 145 20.06 7.56 9.94
CA GLN B 145 19.24 8.49 10.68
C GLN B 145 19.77 9.88 10.39
N TYR B 146 18.95 10.90 10.58
CA TYR B 146 19.40 12.25 10.28
C TYR B 146 20.15 12.83 11.46
N ASN B 147 21.10 13.73 11.17
CA ASN B 147 21.67 14.55 12.22
C ASN B 147 21.20 15.98 12.13
N VAL B 148 20.85 16.42 10.93
CA VAL B 148 20.40 17.75 10.69
C VAL B 148 18.89 17.71 10.58
N LEU B 149 18.26 18.89 10.62
CA LEU B 149 16.83 19.02 10.36
C LEU B 149 16.50 18.37 9.03
N PRO B 150 15.63 17.36 9.00
CA PRO B 150 15.36 16.69 7.73
C PRO B 150 14.29 17.40 6.90
N GLN B 151 14.49 17.40 5.60
CA GLN B 151 13.43 17.82 4.70
C GLN B 151 12.25 16.88 4.84
N GLY B 152 11.05 17.42 4.84
CA GLY B 152 9.84 16.63 4.88
C GLY B 152 9.19 16.54 6.24
N TRP B 153 9.92 16.89 7.29
CA TRP B 153 9.44 16.79 8.66
C TRP B 153 8.92 18.14 9.09
N LYS B 154 7.67 18.19 9.52
CA LYS B 154 7.08 19.47 9.82
C LYS B 154 7.70 20.12 11.03
N GLY B 155 8.49 19.40 11.82
CA GLY B 155 9.29 20.03 12.85
C GLY B 155 10.36 20.95 12.29
N SER B 156 10.86 20.65 11.08
CA SER B 156 11.94 21.44 10.51
C SER B 156 11.57 22.91 10.31
N PRO B 157 10.54 23.26 9.55
CA PRO B 157 10.22 24.69 9.46
C PRO B 157 9.87 25.30 10.80
N ALA B 158 9.30 24.54 11.72
CA ALA B 158 8.97 25.11 13.03
C ALA B 158 10.23 25.58 13.74
N ILE B 159 11.28 24.74 13.73
CA ILE B 159 12.53 25.06 14.42
C ILE B 159 13.28 26.15 13.70
N PHE B 160 13.21 26.16 12.38
CA PHE B 160 13.93 27.13 11.58
C PHE B 160 13.19 28.46 11.44
N GLN B 161 12.01 28.64 12.04
CA GLN B 161 11.28 29.83 11.65
C GLN B 161 11.90 31.10 12.22
N SER B 162 12.57 30.99 13.37
CA SER B 162 13.32 32.12 13.92
C SER B 162 14.43 32.57 12.96
N SER B 163 15.19 31.63 12.42
CA SER B 163 16.24 31.97 11.46
C SER B 163 15.65 32.45 10.14
N MET B 164 14.48 31.94 9.78
CA MET B 164 13.87 32.36 8.51
C MET B 164 13.44 33.81 8.56
N THR B 165 12.77 34.23 9.64
CA THR B 165 12.31 35.62 9.66
C THR B 165 13.48 36.58 9.76
N LYS B 166 14.61 36.14 10.33
CA LYS B 166 15.82 36.95 10.26
C LYS B 166 16.30 37.12 8.82
N ILE B 167 16.33 36.02 8.04
CA ILE B 167 16.76 36.10 6.65
C ILE B 167 15.81 36.96 5.83
N LEU B 168 14.52 36.86 6.09
CA LEU B 168 13.55 37.59 5.29
C LEU B 168 13.25 38.98 5.84
N GLU B 169 13.81 39.33 7.00
CA GLU B 169 13.52 40.62 7.63
C GLU B 169 13.84 41.80 6.72
N PRO B 170 15.02 41.89 6.08
CA PRO B 170 15.27 43.04 5.21
C PRO B 170 14.30 43.11 4.05
N PHE B 171 14.01 41.97 3.41
CA PHE B 171 13.23 41.96 2.18
C PHE B 171 11.77 42.34 2.45
N ARG B 172 11.24 41.90 3.59
CA ARG B 172 9.91 42.33 3.99
C ARG B 172 9.85 43.82 4.25
N LYS B 173 10.82 44.35 5.02
CA LYS B 173 10.89 45.79 5.29
C LYS B 173 10.85 46.59 4.00
N GLN B 174 11.52 46.11 2.95
CA GLN B 174 11.62 46.88 1.71
C GLN B 174 10.49 46.61 0.74
N ASN B 175 9.68 45.59 0.98
CA ASN B 175 8.53 45.25 0.15
C ASN B 175 7.43 44.83 1.11
N PRO B 176 6.72 45.80 1.69
CA PRO B 176 5.71 45.46 2.69
C PRO B 176 4.41 44.94 2.10
N ASP B 177 4.21 45.11 0.79
CA ASP B 177 3.06 44.59 0.07
C ASP B 177 3.30 43.22 -0.53
N ILE B 178 4.36 42.53 -0.13
CA ILE B 178 4.64 41.19 -0.63
C ILE B 178 4.47 40.22 0.53
N VAL B 179 3.74 39.16 0.28
CA VAL B 179 3.42 38.18 1.31
C VAL B 179 4.29 36.95 1.07
N ILE B 180 4.91 36.48 2.15
CA ILE B 180 5.84 35.38 2.09
C ILE B 180 5.42 34.42 3.17
N TYR B 181 4.97 33.25 2.77
CA TYR B 181 4.46 32.21 3.65
C TYR B 181 5.33 30.99 3.50
N GLN B 182 5.58 30.31 4.60
CA GLN B 182 6.41 29.14 4.58
C GLN B 182 5.56 27.94 4.93
N TYR B 183 5.59 26.93 4.08
CA TYR B 183 4.94 25.67 4.38
C TYR B 183 5.92 24.56 4.07
N MET B 184 6.38 23.86 5.12
CA MET B 184 7.30 22.72 4.97
C MET B 184 8.58 23.20 4.27
N ASP B 185 8.99 22.61 3.16
CA ASP B 185 10.21 23.02 2.49
C ASP B 185 10.00 24.13 1.46
N ASP B 186 8.84 24.78 1.42
CA ASP B 186 8.60 25.80 0.41
C ASP B 186 8.33 27.17 1.00
N LEU B 187 8.72 28.18 0.24
CA LEU B 187 8.36 29.56 0.50
C LEU B 187 7.37 29.94 -0.57
N TYR B 188 6.20 30.41 -0.16
CA TYR B 188 5.21 30.97 -1.08
C TYR B 188 5.35 32.49 -1.02
N VAL B 189 5.60 33.09 -2.16
CA VAL B 189 5.81 34.52 -2.25
C VAL B 189 4.74 35.11 -3.15
N GLY B 190 3.86 35.91 -2.57
CA GLY B 190 2.74 36.49 -3.29
C GLY B 190 2.85 38.00 -3.39
N SER B 191 2.64 38.50 -4.60
CA SER B 191 2.63 39.94 -4.81
C SER B 191 1.51 40.30 -5.76
N ASP B 192 1.18 41.59 -5.77
CA ASP B 192 0.22 42.14 -6.72
C ASP B 192 0.90 42.74 -7.95
N LEU B 193 2.21 42.58 -8.08
CA LEU B 193 2.94 43.27 -9.12
C LEU B 193 2.65 42.66 -10.48
N GLU B 194 2.83 43.48 -11.51
CA GLU B 194 2.89 42.96 -12.87
C GLU B 194 3.94 41.86 -12.94
N ILE B 195 3.67 40.87 -13.79
CA ILE B 195 4.43 39.63 -13.78
C ILE B 195 5.93 39.89 -13.94
N GLY B 196 6.31 40.82 -14.82
CA GLY B 196 7.72 41.15 -14.96
C GLY B 196 8.31 41.78 -13.71
N GLN B 197 7.56 42.68 -13.07
CA GLN B 197 8.03 43.19 -11.78
C GLN B 197 8.04 42.11 -10.73
N HIS B 198 7.09 41.18 -10.83
CA HIS B 198 6.98 40.13 -9.83
C HIS B 198 8.20 39.24 -9.86
N ARG B 199 8.59 38.81 -11.06
CA ARG B 199 9.74 37.93 -11.21
C ARG B 199 11.02 38.61 -10.75
N THR B 200 11.14 39.91 -11.03
CA THR B 200 12.30 40.65 -10.56
C THR B 200 12.35 40.65 -9.04
N LYS B 201 11.19 40.73 -8.38
CA LYS B 201 11.22 40.75 -6.93
C LYS B 201 11.60 39.37 -6.36
N ILE B 202 11.16 38.29 -7.04
CA ILE B 202 11.61 36.94 -6.69
C ILE B 202 13.11 36.79 -6.92
N GLU B 203 13.65 37.44 -7.95
CA GLU B 203 15.08 37.32 -8.19
C GLU B 203 15.88 37.97 -7.08
N GLU B 204 15.46 39.16 -6.60
CA GLU B 204 16.13 39.76 -5.46
C GLU B 204 16.04 38.86 -4.24
N LEU B 205 14.89 38.22 -4.07
CA LEU B 205 14.72 37.40 -2.88
C LEU B 205 15.60 36.16 -2.91
N ARG B 206 15.87 35.60 -4.09
CA ARG B 206 16.82 34.50 -4.18
C ARG B 206 18.21 34.97 -3.74
N GLN B 207 18.57 36.20 -4.10
CA GLN B 207 19.83 36.77 -3.63
C GLN B 207 19.92 36.80 -2.11
N HIS B 208 18.86 37.25 -1.42
CA HIS B 208 18.90 37.26 0.04
C HIS B 208 19.12 35.87 0.59
N LEU B 209 18.31 34.91 0.13
CA LEU B 209 18.46 33.53 0.57
C LEU B 209 19.85 33.01 0.24
N LEU B 210 20.36 33.36 -0.95
CA LEU B 210 21.66 32.86 -1.41
C LEU B 210 22.80 33.25 -0.46
N ARG B 211 22.65 34.32 0.30
CA ARG B 211 23.62 34.70 1.32
C ARG B 211 23.47 33.88 2.58
N TRP B 212 22.74 32.76 2.52
CA TRP B 212 22.57 31.93 3.70
C TRP B 212 22.58 30.44 3.36
N GLY B 213 23.03 30.06 2.16
CA GLY B 213 23.01 28.67 1.72
C GLY B 213 21.65 28.20 1.24
N LEU B 214 21.07 28.93 0.29
CA LEU B 214 19.69 28.70 -0.12
C LEU B 214 19.57 29.03 -1.61
N THR B 215 19.96 28.07 -2.44
CA THR B 215 19.88 28.28 -3.88
C THR B 215 18.54 27.74 -4.42
N TYR B 232 8.08 28.24 -10.49
CA TYR B 232 6.70 27.74 -10.41
C TYR B 232 5.74 28.87 -10.01
N GLU B 233 4.84 29.27 -10.93
CA GLU B 233 4.10 30.53 -10.82
C GLU B 233 2.60 30.32 -10.81
N LEU B 234 1.97 30.58 -9.66
CA LEU B 234 0.53 30.46 -9.46
C LEU B 234 -0.13 31.82 -9.58
N HIS B 235 -1.37 31.81 -10.09
CA HIS B 235 -2.19 33.02 -10.17
C HIS B 235 -3.49 32.73 -9.45
N PRO B 236 -3.48 32.72 -8.11
CA PRO B 236 -4.67 32.36 -7.35
C PRO B 236 -5.84 33.30 -7.58
N ASP B 237 -5.58 34.54 -8.00
CA ASP B 237 -6.66 35.44 -8.40
C ASP B 237 -7.57 34.80 -9.45
N LYS B 238 -6.98 33.99 -10.35
CA LYS B 238 -7.69 33.31 -11.43
C LYS B 238 -8.20 31.94 -11.04
N TRP B 239 -8.36 31.67 -9.74
CA TRP B 239 -8.97 30.41 -9.29
C TRP B 239 -10.44 30.70 -9.04
N THR B 240 -11.28 30.18 -9.92
CA THR B 240 -12.71 30.37 -9.82
C THR B 240 -13.37 29.02 -9.62
N VAL B 241 -14.49 29.05 -8.91
CA VAL B 241 -15.24 27.83 -8.61
C VAL B 241 -15.80 27.25 -9.89
N GLN B 242 -15.81 25.92 -9.98
CA GLN B 242 -16.47 25.18 -11.05
C GLN B 242 -17.93 24.88 -10.65
N PRO B 243 -18.89 25.72 -11.05
CA PRO B 243 -20.26 25.51 -10.59
C PRO B 243 -20.88 24.26 -11.20
N ILE B 244 -21.86 23.71 -10.48
CA ILE B 244 -22.65 22.62 -11.01
C ILE B 244 -23.47 23.15 -12.18
N VAL B 245 -23.35 22.50 -13.34
CA VAL B 245 -23.85 23.03 -14.59
C VAL B 245 -25.14 22.32 -14.96
N LEU B 246 -26.18 23.10 -15.23
CA LEU B 246 -27.45 22.56 -15.73
C LEU B 246 -27.49 22.70 -17.24
N PRO B 247 -27.82 21.63 -17.96
CA PRO B 247 -27.75 21.72 -19.43
C PRO B 247 -28.70 22.77 -19.98
N GLU B 248 -28.29 23.40 -21.07
CA GLU B 248 -29.14 24.27 -21.86
C GLU B 248 -29.69 23.44 -23.01
N LYS B 249 -31.00 23.45 -23.20
CA LYS B 249 -31.55 22.54 -24.20
C LYS B 249 -32.76 23.13 -24.92
N ASP B 250 -32.91 22.68 -26.18
CA ASP B 250 -34.01 23.03 -27.07
C ASP B 250 -35.28 22.24 -26.72
N SER B 251 -35.24 20.94 -26.95
CA SER B 251 -36.23 19.97 -26.49
C SER B 251 -35.77 19.35 -25.17
N TRP B 252 -36.69 18.61 -24.54
CA TRP B 252 -36.41 17.93 -23.27
C TRP B 252 -37.16 16.60 -23.28
N THR B 253 -36.40 15.50 -23.29
CA THR B 253 -37.02 14.20 -23.08
C THR B 253 -37.30 14.01 -21.59
N VAL B 254 -38.12 13.01 -21.28
CA VAL B 254 -38.33 12.73 -19.87
C VAL B 254 -37.04 12.18 -19.26
N ASN B 255 -36.23 11.47 -20.06
CA ASN B 255 -34.91 11.07 -19.56
C ASN B 255 -34.08 12.29 -19.19
N ASP B 256 -34.09 13.33 -20.03
CA ASP B 256 -33.32 14.54 -19.75
C ASP B 256 -33.82 15.23 -18.49
N ILE B 257 -35.13 15.24 -18.26
CA ILE B 257 -35.67 15.90 -17.07
C ILE B 257 -35.40 15.06 -15.83
N GLN B 258 -35.51 13.73 -15.97
CA GLN B 258 -35.17 12.84 -14.86
C GLN B 258 -33.73 13.04 -14.43
N LYS B 259 -32.79 13.00 -15.39
CA LYS B 259 -31.40 13.33 -15.09
C LYS B 259 -31.26 14.73 -14.51
N LEU B 260 -32.19 15.62 -14.84
CA LEU B 260 -32.14 16.96 -14.29
C LEU B 260 -32.69 17.03 -12.88
N VAL B 261 -33.78 16.31 -12.62
CA VAL B 261 -34.31 16.24 -11.26
C VAL B 261 -33.31 15.56 -10.33
N GLY B 262 -32.68 14.49 -10.81
CA GLY B 262 -31.68 13.81 -9.98
C GLY B 262 -30.50 14.69 -9.65
N LYS B 263 -30.00 15.42 -10.66
CA LYS B 263 -28.89 16.36 -10.47
C LYS B 263 -29.28 17.55 -9.60
N LEU B 264 -30.53 18.01 -9.70
CA LEU B 264 -30.99 19.12 -8.85
C LEU B 264 -31.23 18.68 -7.42
N ASN B 265 -31.95 17.57 -7.25
CA ASN B 265 -32.29 17.09 -5.91
C ASN B 265 -31.03 16.81 -5.09
N TRP B 266 -29.98 16.32 -5.73
CA TRP B 266 -28.74 16.14 -5.00
C TRP B 266 -28.06 17.48 -4.73
N ALA B 267 -28.09 18.40 -5.70
CA ALA B 267 -27.60 19.75 -5.43
C ALA B 267 -28.39 20.41 -4.30
N SER B 268 -29.64 20.00 -4.10
CA SER B 268 -30.45 20.53 -3.01
C SER B 268 -29.79 20.28 -1.64
N GLN B 269 -29.01 19.20 -1.52
CA GLN B 269 -28.35 18.85 -0.28
C GLN B 269 -27.14 19.73 0.03
N ILE B 270 -26.74 20.61 -0.89
CA ILE B 270 -25.57 21.48 -0.70
C ILE B 270 -26.01 22.93 -0.69
N TYR B 271 -26.52 23.39 -1.84
CA TYR B 271 -26.93 24.76 -2.00
C TYR B 271 -28.31 24.95 -1.41
N PRO B 272 -28.49 25.81 -0.41
CA PRO B 272 -29.82 26.05 0.14
C PRO B 272 -30.70 26.79 -0.86
N GLY B 273 -31.89 26.25 -1.12
CA GLY B 273 -32.88 26.93 -1.93
C GLY B 273 -33.27 26.22 -3.22
N ILE B 274 -32.56 25.17 -3.62
CA ILE B 274 -32.90 24.46 -4.86
C ILE B 274 -34.28 23.88 -4.75
N LYS B 275 -35.14 24.17 -5.75
CA LYS B 275 -36.51 23.66 -5.80
C LYS B 275 -36.67 22.80 -7.06
N VAL B 276 -37.52 21.77 -6.95
CA VAL B 276 -37.51 20.69 -7.94
C VAL B 276 -38.94 20.34 -8.40
N ARG B 277 -39.93 20.42 -7.49
CA ARG B 277 -41.26 19.86 -7.71
C ARG B 277 -41.96 20.37 -8.98
N GLN B 278 -41.68 21.61 -9.43
CA GLN B 278 -42.30 22.11 -10.67
C GLN B 278 -41.83 21.33 -11.88
N LEU B 279 -40.55 20.97 -11.92
CA LEU B 279 -40.05 20.06 -12.94
C LEU B 279 -40.75 18.72 -12.87
N CYS B 280 -40.89 18.17 -11.65
CA CYS B 280 -41.35 16.80 -11.47
C CYS B 280 -42.75 16.58 -11.99
N LYS B 281 -43.58 17.63 -12.05
CA LYS B 281 -44.92 17.42 -12.58
C LYS B 281 -44.95 17.45 -14.10
N LEU B 282 -43.83 17.77 -14.76
CA LEU B 282 -43.75 17.49 -16.20
C LEU B 282 -43.69 15.99 -16.48
N LEU B 283 -43.22 15.22 -15.47
CA LEU B 283 -43.19 13.75 -15.55
C LEU B 283 -44.29 13.27 -14.60
N ARG B 284 -45.45 12.92 -15.20
CA ARG B 284 -46.63 12.64 -14.39
C ARG B 284 -47.05 11.18 -14.43
N GLY B 285 -47.17 10.57 -15.61
CA GLY B 285 -47.49 9.16 -15.76
C GLY B 285 -46.26 8.30 -15.73
N THR B 286 -46.32 7.17 -16.43
CA THR B 286 -45.15 6.35 -16.72
C THR B 286 -44.90 6.54 -18.21
N LYS B 287 -44.11 7.55 -18.55
CA LYS B 287 -43.83 7.92 -19.93
C LYS B 287 -42.57 7.21 -20.44
N ALA B 288 -42.60 6.79 -21.70
CA ALA B 288 -41.39 6.34 -22.38
C ALA B 288 -40.28 7.36 -22.21
N LEU B 289 -39.05 6.87 -22.00
CA LEU B 289 -37.93 7.75 -21.67
C LEU B 289 -37.61 8.70 -22.81
N THR B 290 -37.92 8.32 -24.04
CA THR B 290 -37.50 9.02 -25.23
C THR B 290 -38.53 10.04 -25.72
N GLU B 291 -39.67 10.12 -25.07
CA GLU B 291 -40.71 11.02 -25.53
C GLU B 291 -40.36 12.45 -25.12
N VAL B 292 -40.42 13.35 -26.09
CA VAL B 292 -40.10 14.75 -25.88
C VAL B 292 -41.26 15.40 -25.13
N ILE B 293 -40.99 15.87 -23.92
CA ILE B 293 -41.99 16.50 -23.07
C ILE B 293 -41.93 18.00 -23.27
N PRO B 294 -43.04 18.71 -23.58
CA PRO B 294 -43.01 20.17 -23.66
C PRO B 294 -42.73 20.80 -22.30
N LEU B 295 -41.97 21.88 -22.27
CA LEU B 295 -41.59 22.49 -20.97
C LEU B 295 -42.62 23.53 -20.54
N THR B 296 -43.01 23.50 -19.27
CA THR B 296 -43.92 24.56 -18.77
C THR B 296 -43.09 25.79 -18.48
N GLU B 297 -43.73 26.94 -18.41
CA GLU B 297 -42.96 28.18 -18.22
C GLU B 297 -42.59 28.43 -16.77
N GLU B 298 -43.18 27.71 -15.86
CA GLU B 298 -42.68 27.77 -14.49
C GLU B 298 -41.47 26.86 -14.33
N ALA B 299 -41.39 25.85 -15.18
CA ALA B 299 -40.18 25.04 -15.23
C ALA B 299 -39.01 25.89 -15.73
N GLU B 300 -39.14 26.47 -16.93
CA GLU B 300 -38.15 27.42 -17.42
C GLU B 300 -37.90 28.52 -16.39
N LEU B 301 -38.94 28.87 -15.62
CA LEU B 301 -38.77 29.78 -14.49
C LEU B 301 -37.83 29.20 -13.44
N GLU B 302 -37.87 27.89 -13.23
CA GLU B 302 -37.13 27.28 -12.13
C GLU B 302 -35.69 26.90 -12.51
N LEU B 303 -35.48 26.32 -13.69
CA LEU B 303 -34.12 26.18 -14.22
C LEU B 303 -33.39 27.50 -14.17
N ALA B 304 -34.09 28.59 -14.50
CA ALA B 304 -33.55 29.93 -14.36
C ALA B 304 -33.15 30.20 -12.92
N GLU B 305 -34.11 30.07 -12.00
CA GLU B 305 -33.87 30.43 -10.61
C GLU B 305 -32.76 29.58 -10.00
N ASN B 306 -32.61 28.33 -10.45
CA ASN B 306 -31.61 27.45 -9.88
C ASN B 306 -30.21 27.78 -10.40
N ARG B 307 -30.10 28.13 -11.69
CA ARG B 307 -28.80 28.45 -12.25
C ARG B 307 -28.13 29.58 -11.49
N GLU B 308 -28.91 30.58 -11.06
CA GLU B 308 -28.33 31.67 -10.30
C GLU B 308 -27.73 31.18 -8.98
N ILE B 309 -28.41 30.24 -8.31
CA ILE B 309 -27.89 29.73 -7.05
C ILE B 309 -26.60 28.95 -7.27
N LEU B 310 -26.57 28.10 -8.30
CA LEU B 310 -25.43 27.20 -8.48
C LEU B 310 -24.17 27.92 -8.93
N LYS B 311 -24.31 29.11 -9.55
CA LYS B 311 -23.13 29.88 -9.96
C LYS B 311 -22.40 30.49 -8.77
N GLU B 312 -23.16 30.94 -7.76
CA GLU B 312 -22.66 31.63 -6.58
C GLU B 312 -22.15 30.65 -5.53
N PRO B 313 -21.18 31.05 -4.71
CA PRO B 313 -20.65 30.15 -3.67
C PRO B 313 -21.72 29.68 -2.69
N VAL B 314 -21.40 28.60 -1.99
CA VAL B 314 -22.33 28.03 -1.03
C VAL B 314 -22.52 29.01 0.12
N HIS B 315 -23.75 29.16 0.56
CA HIS B 315 -24.03 30.01 1.71
C HIS B 315 -23.92 29.19 2.98
N GLY B 316 -23.28 29.76 4.00
CA GLY B 316 -23.25 29.13 5.30
C GLY B 316 -22.21 28.07 5.51
N VAL B 317 -21.15 28.04 4.70
CA VAL B 317 -20.06 27.07 4.83
C VAL B 317 -18.77 27.84 5.06
N TYR B 318 -18.11 27.56 6.18
CA TYR B 318 -16.92 28.28 6.58
C TYR B 318 -15.80 27.31 6.98
N TYR B 319 -14.57 27.69 6.64
CA TYR B 319 -13.43 26.88 7.05
C TYR B 319 -13.32 26.85 8.57
N ASP B 320 -13.07 25.67 9.10
CA ASP B 320 -12.80 25.49 10.53
C ASP B 320 -11.35 25.07 10.73
N PRO B 321 -10.49 25.93 11.30
CA PRO B 321 -9.05 25.59 11.41
C PRO B 321 -8.74 24.33 12.20
N SER B 322 -9.71 23.77 12.90
CA SER B 322 -9.50 22.62 13.76
C SER B 322 -9.90 21.31 13.12
N LYS B 323 -10.39 21.33 11.88
CA LYS B 323 -10.91 20.12 11.26
C LYS B 323 -10.09 19.80 10.02
N ASP B 324 -9.82 18.52 9.82
CA ASP B 324 -9.08 18.08 8.65
C ASP B 324 -9.85 18.47 7.38
N LEU B 325 -9.10 18.86 6.36
CA LEU B 325 -9.66 19.04 5.03
C LEU B 325 -9.76 17.72 4.28
N ILE B 326 -10.85 17.54 3.55
CA ILE B 326 -11.06 16.37 2.70
C ILE B 326 -11.09 16.85 1.26
N ALA B 327 -10.47 16.07 0.37
CA ALA B 327 -10.58 16.28 -1.07
C ALA B 327 -11.04 14.98 -1.71
N GLU B 328 -12.07 15.06 -2.53
CA GLU B 328 -12.51 13.96 -3.36
C GLU B 328 -12.17 14.27 -4.80
N ILE B 329 -11.91 13.23 -5.58
CA ILE B 329 -11.61 13.38 -7.00
C ILE B 329 -12.42 12.37 -7.77
N GLN B 330 -13.07 12.83 -8.84
CA GLN B 330 -13.83 11.98 -9.73
C GLN B 330 -13.17 12.01 -11.09
N LYS B 331 -12.93 10.82 -11.67
CA LYS B 331 -12.47 10.75 -13.04
C LYS B 331 -13.64 11.00 -13.98
N GLN B 332 -13.46 11.93 -14.92
CA GLN B 332 -14.51 12.31 -15.85
C GLN B 332 -14.29 11.80 -17.27
N GLY B 333 -13.26 10.99 -17.50
CA GLY B 333 -12.92 10.54 -18.84
C GLY B 333 -12.35 11.66 -19.68
N GLN B 334 -11.65 11.34 -20.78
CA GLN B 334 -11.14 12.37 -21.69
C GLN B 334 -10.20 13.33 -20.98
N GLY B 335 -9.41 12.81 -20.04
CA GLY B 335 -8.41 13.62 -19.40
C GLY B 335 -8.90 14.73 -18.51
N GLN B 336 -10.14 14.66 -18.04
CA GLN B 336 -10.67 15.70 -17.18
C GLN B 336 -11.11 15.08 -15.85
N TRP B 337 -10.99 15.86 -14.80
CA TRP B 337 -11.18 15.36 -13.45
C TRP B 337 -11.78 16.48 -12.64
N THR B 338 -12.73 16.14 -11.77
CA THR B 338 -13.33 17.14 -10.91
C THR B 338 -12.95 16.85 -9.48
N TYR B 339 -13.04 17.87 -8.64
CA TYR B 339 -12.63 17.67 -7.27
C TYR B 339 -13.35 18.63 -6.35
N GLN B 340 -13.58 18.19 -5.13
CA GLN B 340 -14.14 19.08 -4.14
C GLN B 340 -13.30 19.00 -2.88
N ILE B 341 -13.21 20.13 -2.18
CA ILE B 341 -12.57 20.21 -0.89
C ILE B 341 -13.65 20.57 0.12
N TYR B 342 -13.65 19.86 1.25
CA TYR B 342 -14.68 20.07 2.26
C TYR B 342 -14.18 19.51 3.58
N GLN B 343 -14.77 19.99 4.66
CA GLN B 343 -14.55 19.40 5.97
C GLN B 343 -15.76 18.59 6.44
N GLU B 344 -16.97 19.04 6.13
CA GLU B 344 -18.20 18.31 6.36
C GLU B 344 -18.83 17.96 5.02
N PRO B 345 -19.15 16.69 4.76
CA PRO B 345 -19.58 16.29 3.40
C PRO B 345 -20.78 17.11 2.94
N PHE B 346 -20.67 17.62 1.72
CA PHE B 346 -21.59 18.49 0.99
C PHE B 346 -21.39 19.96 1.33
N LYS B 347 -20.67 20.29 2.40
CA LYS B 347 -20.30 21.68 2.65
C LYS B 347 -18.99 21.95 1.90
N ASN B 348 -19.10 22.29 0.61
CA ASN B 348 -17.94 22.40 -0.25
C ASN B 348 -17.26 23.74 -0.06
N LEU B 349 -16.04 23.72 0.49
CA LEU B 349 -15.24 24.95 0.49
C LEU B 349 -14.77 25.32 -0.90
N LYS B 350 -14.51 24.33 -1.74
CA LYS B 350 -13.97 24.60 -3.07
C LYS B 350 -14.30 23.42 -3.96
N THR B 351 -14.64 23.73 -5.20
CA THR B 351 -14.92 22.73 -6.22
C THR B 351 -14.16 23.18 -7.46
N GLY B 352 -13.57 22.22 -8.16
CA GLY B 352 -12.76 22.58 -9.31
C GLY B 352 -12.77 21.49 -10.34
N LYS B 353 -12.16 21.78 -11.47
CA LYS B 353 -11.81 20.76 -12.43
C LYS B 353 -10.31 20.83 -12.69
N TYR B 354 -9.80 19.78 -13.33
CA TYR B 354 -8.41 19.70 -13.71
C TYR B 354 -8.40 18.91 -15.00
N ALA B 355 -7.60 19.34 -15.97
CA ALA B 355 -7.69 18.76 -17.32
C ALA B 355 -6.32 18.51 -17.93
N ARG B 356 -6.23 17.39 -18.67
CA ARG B 356 -5.08 17.05 -19.52
C ARG B 356 -3.74 17.13 -18.78
N THR B 362 -3.62 10.69 -21.84
CA THR B 362 -2.36 9.94 -21.76
C THR B 362 -2.44 8.79 -20.74
N ASN B 363 -2.19 9.12 -19.46
CA ASN B 363 -2.02 8.14 -18.40
C ASN B 363 -2.91 8.55 -17.22
N ASP B 364 -3.80 7.66 -16.79
CA ASP B 364 -4.72 7.99 -15.69
C ASP B 364 -3.97 8.30 -14.40
N VAL B 365 -2.96 7.48 -14.07
CA VAL B 365 -2.27 7.67 -12.80
C VAL B 365 -1.40 8.90 -12.87
N LYS B 366 -0.80 9.20 -14.02
CA LYS B 366 -0.04 10.44 -14.15
C LYS B 366 -0.94 11.65 -13.89
N GLN B 367 -2.13 11.66 -14.51
CA GLN B 367 -3.04 12.80 -14.39
C GLN B 367 -3.55 12.99 -12.98
N LEU B 368 -4.00 11.89 -12.35
CA LEU B 368 -4.39 11.95 -10.95
C LEU B 368 -3.26 12.48 -10.08
N THR B 369 -2.05 12.01 -10.32
CA THR B 369 -0.91 12.44 -9.52
C THR B 369 -0.66 13.93 -9.69
N GLU B 370 -0.81 14.44 -10.91
CA GLU B 370 -0.78 15.88 -11.15
C GLU B 370 -1.94 16.58 -10.47
N ALA B 371 -3.14 15.98 -10.49
CA ALA B 371 -4.30 16.61 -9.87
C ALA B 371 -4.09 16.76 -8.38
N VAL B 372 -3.65 15.70 -7.69
CA VAL B 372 -3.39 15.78 -6.25
C VAL B 372 -2.41 16.91 -5.92
N GLN B 373 -1.32 17.04 -6.69
CA GLN B 373 -0.38 18.12 -6.40
C GLN B 373 -1.02 19.48 -6.58
N LYS B 374 -1.78 19.65 -7.67
CA LYS B 374 -2.45 20.93 -7.89
C LYS B 374 -3.37 21.27 -6.73
N ILE B 375 -4.26 20.34 -6.35
CA ILE B 375 -5.23 20.59 -5.28
C ILE B 375 -4.53 20.82 -3.95
N THR B 376 -3.39 20.16 -3.73
CA THR B 376 -2.66 20.35 -2.48
C THR B 376 -2.04 21.73 -2.43
N THR B 377 -1.37 22.13 -3.51
CA THR B 377 -0.85 23.49 -3.63
C THR B 377 -1.93 24.54 -3.35
N GLU B 378 -3.06 24.47 -4.08
CA GLU B 378 -4.14 25.42 -3.81
C GLU B 378 -4.58 25.36 -2.36
N SER B 379 -4.60 24.16 -1.79
CA SER B 379 -4.99 24.02 -0.42
C SER B 379 -3.95 24.62 0.53
N ILE B 380 -2.67 24.63 0.18
CA ILE B 380 -1.70 25.29 1.06
C ILE B 380 -1.86 26.79 0.98
N VAL B 381 -2.04 27.31 -0.24
CA VAL B 381 -2.18 28.74 -0.43
C VAL B 381 -3.42 29.28 0.28
N ILE B 382 -4.51 28.54 0.25
CA ILE B 382 -5.78 29.04 0.78
C ILE B 382 -5.90 28.81 2.29
N TRP B 383 -5.40 27.68 2.81
CA TRP B 383 -5.63 27.38 4.22
C TRP B 383 -4.39 27.06 5.04
N GLY B 384 -3.22 26.84 4.44
CA GLY B 384 -2.09 26.41 5.24
C GLY B 384 -2.14 24.96 5.67
N LYS B 385 -2.99 24.16 5.01
CA LYS B 385 -3.19 22.76 5.33
C LYS B 385 -3.23 21.93 4.05
N THR B 386 -2.70 20.72 4.13
CA THR B 386 -2.99 19.89 2.95
C THR B 386 -4.22 19.03 3.20
N PRO B 387 -5.06 18.77 2.20
CA PRO B 387 -6.23 17.93 2.41
C PRO B 387 -5.87 16.47 2.51
N LYS B 388 -6.72 15.70 3.17
CA LYS B 388 -6.65 14.24 3.07
C LYS B 388 -7.40 13.83 1.81
N PHE B 389 -6.75 13.09 0.91
CA PHE B 389 -7.33 12.79 -0.39
C PHE B 389 -8.08 11.46 -0.40
N LYS B 390 -9.29 11.48 -0.97
CA LYS B 390 -10.06 10.27 -1.29
C LYS B 390 -9.79 9.92 -2.76
N LEU B 391 -8.90 8.93 -3.01
CA LEU B 391 -8.40 8.66 -4.36
C LEU B 391 -9.22 7.57 -5.06
N PRO B 392 -9.68 7.79 -6.27
CA PRO B 392 -10.43 6.74 -7.00
C PRO B 392 -9.54 5.79 -7.81
N ILE B 393 -8.86 4.88 -7.12
CA ILE B 393 -7.84 4.05 -7.74
C ILE B 393 -7.56 2.89 -6.79
N GLN B 394 -6.94 1.83 -7.32
CA GLN B 394 -6.53 0.72 -6.49
C GLN B 394 -5.28 1.11 -5.74
N LYS B 395 -5.28 0.89 -4.42
CA LYS B 395 -4.15 1.24 -3.58
C LYS B 395 -2.84 0.73 -4.14
N GLU B 396 -2.84 -0.53 -4.60
CA GLU B 396 -1.61 -1.13 -5.12
C GLU B 396 -1.17 -0.41 -6.39
N THR B 397 -2.11 -0.08 -7.26
CA THR B 397 -1.77 0.69 -8.46
C THR B 397 -1.10 1.99 -8.07
N TRP B 398 -1.73 2.73 -7.15
CA TRP B 398 -1.25 4.05 -6.74
C TRP B 398 0.15 3.97 -6.15
N GLU B 399 0.33 3.10 -5.14
CA GLU B 399 1.62 3.02 -4.47
C GLU B 399 2.73 2.55 -5.44
N THR B 400 2.39 1.66 -6.37
CA THR B 400 3.34 1.30 -7.41
C THR B 400 3.82 2.53 -8.18
N TRP B 401 2.89 3.37 -8.63
CA TRP B 401 3.18 4.32 -9.71
C TRP B 401 3.33 5.77 -9.28
N TRP B 402 2.88 6.16 -8.08
CA TRP B 402 2.78 7.59 -7.82
C TRP B 402 4.14 8.26 -7.81
N THR B 403 5.17 7.53 -7.40
CA THR B 403 6.52 8.08 -7.36
C THR B 403 7.03 8.47 -8.74
N GLU B 404 6.51 7.85 -9.80
CA GLU B 404 7.05 8.08 -11.14
C GLU B 404 6.73 9.46 -11.68
N TYR B 405 5.76 10.14 -11.09
CA TYR B 405 5.35 11.46 -11.55
C TYR B 405 5.31 12.47 -10.41
N TRP B 406 5.23 12.01 -9.15
CA TRP B 406 5.28 12.92 -8.01
C TRP B 406 6.48 13.84 -8.12
N GLN B 407 6.25 15.14 -7.96
CA GLN B 407 7.33 16.09 -8.02
C GLN B 407 7.29 17.13 -6.91
N ALA B 408 6.33 17.06 -6.01
CA ALA B 408 6.38 17.92 -4.84
C ALA B 408 7.28 17.29 -3.78
N THR B 409 7.56 18.05 -2.73
CA THR B 409 8.43 17.58 -1.67
C THR B 409 7.68 17.21 -0.41
N TRP B 410 6.37 17.50 -0.35
CA TRP B 410 5.50 17.00 0.71
C TRP B 410 4.70 15.81 0.18
N ILE B 411 4.00 15.15 1.09
CA ILE B 411 3.08 14.08 0.70
C ILE B 411 1.81 14.26 1.53
N PRO B 412 0.64 14.39 0.91
CA PRO B 412 -0.59 14.48 1.69
C PRO B 412 -1.02 13.09 2.11
N GLU B 413 -1.91 13.05 3.08
CA GLU B 413 -2.53 11.80 3.45
C GLU B 413 -3.57 11.38 2.40
N TRP B 414 -3.72 10.07 2.21
CA TRP B 414 -4.72 9.60 1.27
C TRP B 414 -5.36 8.29 1.69
N GLU B 415 -6.63 8.17 1.36
CA GLU B 415 -7.43 6.94 1.37
C GLU B 415 -7.75 6.57 -0.06
N PHE B 416 -8.21 5.35 -0.24
CA PHE B 416 -8.69 4.89 -1.54
C PHE B 416 -10.16 4.58 -1.43
N VAL B 417 -10.93 4.93 -2.46
CA VAL B 417 -12.37 4.82 -2.40
C VAL B 417 -12.92 4.34 -3.74
N ASN B 418 -14.17 3.90 -3.71
CA ASN B 418 -14.93 3.63 -4.92
C ASN B 418 -15.90 4.79 -5.16
N THR B 419 -15.62 5.60 -6.16
CA THR B 419 -16.40 6.80 -6.47
C THR B 419 -17.88 6.45 -6.63
N PRO B 420 -18.77 6.99 -5.78
CA PRO B 420 -20.20 6.83 -6.01
C PRO B 420 -20.55 7.19 -7.44
N PRO B 421 -21.12 6.26 -8.19
CA PRO B 421 -21.30 6.48 -9.64
C PRO B 421 -22.16 7.69 -9.98
N LEU B 422 -23.14 8.00 -9.12
CA LEU B 422 -23.99 9.16 -9.37
C LEU B 422 -23.26 10.49 -9.22
N VAL B 423 -22.48 10.65 -8.14
CA VAL B 423 -21.61 11.79 -7.84
C VAL B 423 -20.79 12.17 -9.08
N LYS B 424 -20.27 11.18 -9.80
CA LYS B 424 -19.45 11.45 -10.99
C LYS B 424 -20.17 12.40 -11.95
N LEU B 425 -21.44 12.11 -12.29
CA LEU B 425 -22.16 12.93 -13.27
C LEU B 425 -22.73 14.21 -12.65
N TRP B 426 -23.01 14.20 -11.36
CA TRP B 426 -23.51 15.42 -10.71
C TRP B 426 -22.45 16.53 -10.67
N TYR B 427 -21.17 16.21 -10.88
CA TYR B 427 -20.12 17.21 -11.01
C TYR B 427 -19.59 17.32 -12.43
N GLN B 428 -20.15 16.58 -13.38
CA GLN B 428 -19.72 16.64 -14.77
C GLN B 428 -20.01 18.02 -15.37
N LEU B 429 -19.15 18.44 -16.31
CA LEU B 429 -19.34 19.66 -17.08
C LEU B 429 -20.00 19.35 -18.42
C10 XRL C . 23.20 -18.52 -1.56
C13 XRL C . 21.43 -16.42 -1.65
C15 XRL C . 25.05 -17.31 -2.66
C20 XRL C . 23.29 -20.60 -7.50
C21 XRL C . 23.29 -21.11 -6.21
C22 XRL C . 23.12 -20.26 -5.13
C24 XRL C . 23.47 -22.53 -5.97
C28 XRL C . 23.39 -12.72 -1.75
C11 XRL C . 21.92 -18.70 -1.04
C12 XRL C . 21.05 -17.63 -1.09
C14 XRL C . 22.72 -16.24 -2.18
C16 XRL C . 20.40 -15.31 -1.66
C18 XRL C . 22.95 -18.38 -6.64
C19 XRL C . 23.12 -19.24 -7.72
C23 XRL C . 22.96 -18.91 -5.35
C25 XRL C . 23.52 -11.77 -2.94
C27 XRL C . 21.60 -20.00 -0.46
C29 XRL C . 23.91 -14.14 -1.92
C01 XRL C . 23.23 -13.52 -4.77
C02 XRL C . 23.09 -14.76 -4.13
C04 XRL C . 22.93 -15.84 -6.20
C06 XRL C . 23.22 -13.57 -6.17
C09 XRL C . 23.62 -17.33 -2.13
C30 XRL C . 22.34 -21.11 -0.56
C31 XRL C . 21.98 -22.34 0.05
N03 XRL C . 22.94 -15.89 -4.86
N05 XRL C . 23.07 -14.70 -6.90
N07 XRL C . 23.41 -12.27 -4.18
N08 XRL C . 22.78 -17.02 -6.93
N17 XRL C . 23.09 -14.99 -2.75
N32 XRL C . 21.70 -23.32 0.58
N33 XRL C . 23.61 -23.66 -5.76
O26 XRL C . 23.71 -10.58 -2.74
O1 TLA D . -42.94 1.65 -25.47
O11 TLA D . -42.72 0.92 -27.55
C1 TLA D . -42.48 1.72 -26.62
C2 TLA D . -41.51 2.88 -26.91
O2 TLA D . -41.10 3.52 -25.72
C3 TLA D . -42.15 3.89 -27.87
O3 TLA D . -43.17 3.27 -28.64
C4 TLA D . -42.70 5.09 -27.09
O4 TLA D . -43.69 4.88 -26.36
O41 TLA D . -42.11 6.17 -27.23
#